data_3PX6
#
_entry.id   3PX6
#
_cell.length_a   93.460
_cell.length_b   108.280
_cell.length_c   149.760
_cell.angle_alpha   90.00
_cell.angle_beta   90.00
_cell.angle_gamma   90.00
#
_symmetry.space_group_name_H-M   'P 21 21 21'
#
loop_
_entity.id
_entity.type
_entity.pdbx_description
1 polymer 'DNA polymerase I'
2 polymer "DNA (5'-D(*CP*CP*TP*GP*AP*CP*TP*CP*(DOC))-3')"
3 polymer "DNA (5'-D(*C*AP*TP*AP*GP*GP*AP*GP*TP*CP*AP*GP*G)-3')"
4 non-polymer "2',3'-DIDEOXYCYTIDINE 5'-TRIPHOSPHATE"
5 non-polymer 'MANGANESE (II) ION'
6 non-polymer 'SULFATE ION'
7 water water
#
loop_
_entity_poly.entity_id
_entity_poly.type
_entity_poly.pdbx_seq_one_letter_code
_entity_poly.pdbx_strand_id
1 'polypeptide(L)'
;MESPSSEEEKPLAKMAFTLADRVTEEMLADKAALVVEVVEENYHDAPIVGIAVVNEHGRFFLRPETALADPQFVAWLGDE
TKKKSMFDSKRAAVALKWKGIELCGVSFDLLLAAYLLDPAQGVDDVAAAAKMKQYEAVRPDEAVYGKGAKRAVPDEPVLA
EHLVRKAAAIWELERPFLDELRRNEQDRLLVELEQPLSSILAEMEFAGVKVDTKRLEQMGKELAEQLGTVEQRIYELAGQ
EFNINSPKQLGVILFEKLQLPVLKKTKTGYSTSADVLEKLAPYHEIVENILHYRQLGKLQSTYIEGLLKVVRPATKKVHT
IFNQALTQTGRLSSTEPNLQNIPIRLEEGRKIRQAFVPSESDWLIFAADYSQIELRVLAHIAEDDNLMEAFRRDLDIHTK
TAMDIFQVSEDEVTPNMRRQAKAVNYGIVYGISDYGLAQNLNISRKEAAEFIERYFESFPGVKRYMENIVQEAKQKGYVT
TLLHRRRYLPDITSRNFNVRSFAERMAMNTPIQGSAADIIKKAMIDLNARLKEERLQAHLLLQVHDELILEAPKEEMERL
CRLVPEVMEQAVTLRVPLKVDYHYGSTWYDAK
;
A,D
2 'polydeoxyribonucleotide' (DC)(DC)(DT)(DG)(DA)(DC)(DT)(DC)(DOC) B,E
3 'polydeoxyribonucleotide' (DC)(DA)(DT)(DA)(DG)(DG)(DA)(DG)(DT)(DC)(DA)(DG)(DG) C,F
#
# COMPACT_ATOMS: atom_id res chain seq x y z
N LYS A 14 -17.94 27.16 10.96
CA LYS A 14 -16.72 26.94 10.20
C LYS A 14 -17.06 26.50 8.78
N MET A 15 -18.35 26.26 8.52
CA MET A 15 -18.83 25.93 7.19
C MET A 15 -20.19 26.57 6.92
N ALA A 16 -20.23 27.46 5.94
CA ALA A 16 -21.43 28.20 5.60
C ALA A 16 -22.36 27.37 4.72
N PHE A 17 -23.65 27.38 5.06
CA PHE A 17 -24.67 26.74 4.25
C PHE A 17 -26.03 27.40 4.47
N THR A 18 -26.92 27.21 3.50
CA THR A 18 -28.28 27.70 3.59
C THR A 18 -29.22 26.60 4.09
N LEU A 19 -29.90 26.87 5.20
CA LEU A 19 -31.06 26.06 5.60
C LEU A 19 -32.27 26.56 4.84
N ALA A 20 -32.57 25.91 3.74
CA ALA A 20 -33.56 26.42 2.80
C ALA A 20 -35.00 26.06 3.15
N ASP A 21 -35.92 26.98 2.85
CA ASP A 21 -37.35 26.77 3.05
C ASP A 21 -38.04 26.35 1.76
N ARG A 22 -37.33 26.50 0.64
CA ARG A 22 -37.87 26.11 -0.66
C ARG A 22 -36.72 25.83 -1.62
N VAL A 23 -37.06 25.18 -2.73
CA VAL A 23 -36.09 24.80 -3.77
C VAL A 23 -35.87 25.94 -4.76
N THR A 24 -34.61 26.36 -4.91
CA THR A 24 -34.27 27.40 -5.88
C THR A 24 -33.48 26.82 -7.04
N GLU A 25 -33.45 27.56 -8.14
CA GLU A 25 -32.82 27.10 -9.36
C GLU A 25 -31.35 26.74 -9.12
N GLU A 26 -30.69 27.46 -8.22
CA GLU A 26 -29.26 27.26 -8.10
C GLU A 26 -28.97 25.91 -7.42
N MET A 27 -29.99 25.34 -6.78
CA MET A 27 -29.82 24.04 -6.13
C MET A 27 -29.84 22.90 -7.15
N LEU A 28 -30.18 23.22 -8.39
CA LEU A 28 -30.45 22.23 -9.43
C LEU A 28 -29.43 22.32 -10.56
N ALA A 29 -28.16 22.43 -10.18
CA ALA A 29 -27.04 22.48 -11.12
C ALA A 29 -26.79 21.15 -11.82
N ASP A 30 -26.00 21.15 -12.89
CA ASP A 30 -25.78 19.92 -13.64
CA ASP A 30 -25.69 19.99 -13.70
C ASP A 30 -24.70 19.03 -13.00
N LYS A 31 -24.11 19.49 -11.89
CA LYS A 31 -23.20 18.64 -11.10
C LYS A 31 -23.30 19.00 -9.63
N ALA A 32 -23.50 17.99 -8.78
CA ALA A 32 -23.61 18.25 -7.38
C ALA A 32 -23.25 17.05 -6.55
N ALA A 33 -22.86 17.30 -5.33
CA ALA A 33 -22.82 16.23 -4.32
C ALA A 33 -24.18 16.20 -3.64
N LEU A 34 -24.76 15.01 -3.49
CA LEU A 34 -26.12 14.88 -2.98
C LEU A 34 -26.15 13.88 -1.83
N VAL A 35 -26.73 14.27 -0.71
CA VAL A 35 -26.94 13.39 0.45
C VAL A 35 -28.47 13.24 0.64
N VAL A 36 -28.94 12.01 0.61
CA VAL A 36 -30.36 11.68 0.90
C VAL A 36 -30.29 10.75 2.06
N GLU A 37 -30.50 11.29 3.26
CA GLU A 37 -30.09 10.63 4.51
C GLU A 37 -31.15 9.65 5.03
N VAL A 38 -30.72 8.39 5.15
CA VAL A 38 -31.57 7.32 5.66
C VAL A 38 -30.80 6.64 6.78
N VAL A 39 -31.25 6.84 8.01
CA VAL A 39 -30.47 6.44 9.17
C VAL A 39 -30.71 4.99 9.60
N GLU A 40 -31.92 4.49 9.36
CA GLU A 40 -32.22 3.09 9.61
C GLU A 40 -31.29 2.20 8.78
N GLU A 41 -30.69 1.21 9.44
CA GLU A 41 -29.77 0.30 8.77
C GLU A 41 -30.44 -0.36 7.58
N ASN A 42 -31.67 -0.85 7.78
CA ASN A 42 -32.41 -1.42 6.67
C ASN A 42 -33.18 -0.30 6.04
N TYR A 43 -32.77 0.12 4.84
CA TYR A 43 -33.34 1.30 4.20
C TYR A 43 -34.64 1.05 3.44
N HIS A 44 -35.13 -0.19 3.40
CA HIS A 44 -36.41 -0.46 2.74
C HIS A 44 -37.54 0.21 3.50
N ASP A 45 -38.29 1.04 2.79
CA ASP A 45 -39.44 1.75 3.35
C ASP A 45 -39.08 2.53 4.61
N ALA A 46 -37.91 3.15 4.63
CA ALA A 46 -37.41 3.83 5.81
C ALA A 46 -37.47 5.33 5.60
N PRO A 47 -37.56 6.08 6.68
CA PRO A 47 -37.62 7.54 6.63
C PRO A 47 -36.39 8.16 6.01
N ILE A 48 -36.60 9.12 5.13
CA ILE A 48 -35.54 10.01 4.68
C ILE A 48 -35.59 11.20 5.60
N VAL A 49 -34.52 11.46 6.33
CA VAL A 49 -34.59 12.44 7.39
C VAL A 49 -34.11 13.83 7.01
N GLY A 50 -33.50 13.96 5.83
CA GLY A 50 -32.87 15.21 5.47
C GLY A 50 -32.13 15.06 4.16
N ILE A 51 -31.95 16.17 3.45
CA ILE A 51 -31.29 16.20 2.18
C ILE A 51 -30.25 17.30 2.26
N ALA A 52 -29.08 17.06 1.64
CA ALA A 52 -28.11 18.14 1.44
C ALA A 52 -27.61 18.15 0.01
N VAL A 53 -27.35 19.34 -0.52
CA VAL A 53 -26.85 19.51 -1.87
C VAL A 53 -25.67 20.48 -1.79
N VAL A 54 -24.56 20.08 -2.37
CA VAL A 54 -23.38 20.95 -2.53
C VAL A 54 -23.01 21.04 -4.02
N ASN A 55 -22.89 22.25 -4.54
CA ASN A 55 -22.55 22.42 -5.94
C ASN A 55 -21.78 23.74 -6.13
N GLU A 56 -21.55 24.12 -7.38
CA GLU A 56 -20.71 25.29 -7.61
C GLU A 56 -21.32 26.59 -7.07
N HIS A 57 -22.63 26.57 -6.79
CA HIS A 57 -23.32 27.77 -6.31
C HIS A 57 -23.42 27.87 -4.78
N GLY A 58 -23.24 26.78 -4.06
CA GLY A 58 -23.27 26.88 -2.61
C GLY A 58 -23.60 25.57 -1.93
N ARG A 59 -23.95 25.64 -0.64
CA ARG A 59 -24.27 24.43 0.13
C ARG A 59 -25.66 24.59 0.73
N PHE A 60 -26.49 23.58 0.55
CA PHE A 60 -27.92 23.70 0.85
C PHE A 60 -28.39 22.49 1.67
N PHE A 61 -29.19 22.74 2.70
CA PHE A 61 -29.93 21.68 3.38
C PHE A 61 -31.42 21.85 3.09
N LEU A 62 -32.10 20.74 2.78
CA LEU A 62 -33.55 20.75 2.55
C LEU A 62 -34.25 19.75 3.47
N ARG A 63 -35.37 20.14 4.04
CA ARG A 63 -36.23 19.19 4.74
C ARG A 63 -36.81 18.28 3.68
N PRO A 64 -36.96 16.99 3.99
CA PRO A 64 -37.46 16.07 2.97
C PRO A 64 -38.90 16.36 2.49
N GLU A 65 -39.73 16.90 3.37
CA GLU A 65 -41.07 17.33 2.97
C GLU A 65 -40.99 18.40 1.88
N THR A 66 -40.07 19.33 2.07
CA THR A 66 -39.84 20.40 1.11
C THR A 66 -39.41 19.85 -0.23
N ALA A 67 -38.26 19.18 -0.25
CA ALA A 67 -37.66 18.82 -1.51
C ALA A 67 -38.44 17.78 -2.26
N LEU A 68 -38.93 16.76 -1.55
CA LEU A 68 -39.46 15.59 -2.24
C LEU A 68 -40.86 15.78 -2.78
N ALA A 69 -41.50 16.89 -2.37
CA ALA A 69 -42.80 17.28 -2.90
C ALA A 69 -42.69 18.45 -3.88
N ASP A 70 -41.45 18.88 -4.19
CA ASP A 70 -41.22 19.95 -5.15
C ASP A 70 -41.01 19.37 -6.53
N PRO A 71 -41.78 19.84 -7.51
CA PRO A 71 -41.76 19.07 -8.75
C PRO A 71 -40.47 19.27 -9.51
N GLN A 72 -39.83 20.41 -9.30
CA GLN A 72 -38.57 20.67 -9.96
C GLN A 72 -37.45 19.86 -9.33
N PHE A 73 -37.42 19.77 -8.00
CA PHE A 73 -36.40 18.93 -7.35
C PHE A 73 -36.59 17.48 -7.72
N VAL A 74 -37.83 17.01 -7.79
CA VAL A 74 -38.08 15.64 -8.16
C VAL A 74 -37.59 15.42 -9.60
N ALA A 75 -37.89 16.36 -10.49
CA ALA A 75 -37.44 16.22 -11.87
C ALA A 75 -35.89 16.18 -11.95
N TRP A 76 -35.24 17.05 -11.19
CA TRP A 76 -33.78 17.10 -11.16
C TRP A 76 -33.22 15.73 -10.70
N LEU A 77 -33.82 15.16 -9.66
CA LEU A 77 -33.36 13.85 -9.17
C LEU A 77 -33.41 12.79 -10.27
N GLY A 78 -34.46 12.82 -11.09
CA GLY A 78 -34.64 11.79 -12.10
C GLY A 78 -34.01 12.12 -13.45
N ASP A 79 -33.33 13.25 -13.52
CA ASP A 79 -32.69 13.70 -14.76
C ASP A 79 -31.27 13.17 -14.83
N GLU A 80 -31.04 12.25 -15.76
CA GLU A 80 -29.77 11.55 -15.89
C GLU A 80 -28.62 12.47 -16.28
N THR A 81 -28.97 13.61 -16.89
CA THR A 81 -27.96 14.56 -17.35
C THR A 81 -27.57 15.52 -16.24
N LYS A 82 -28.25 15.41 -15.11
CA LYS A 82 -27.88 16.17 -13.95
C LYS A 82 -27.09 15.19 -13.06
N LYS A 83 -25.79 15.42 -12.92
CA LYS A 83 -24.91 14.43 -12.33
C LYS A 83 -24.74 14.59 -10.84
N LYS A 84 -24.79 13.47 -10.10
CA LYS A 84 -24.70 13.52 -8.66
C LYS A 84 -23.54 12.66 -8.18
N SER A 85 -22.83 13.19 -7.21
CA SER A 85 -21.82 12.45 -6.48
C SER A 85 -22.43 12.14 -5.15
N MET A 86 -22.40 10.85 -4.78
CA MET A 86 -22.96 10.43 -3.51
C MET A 86 -22.08 9.46 -2.74
N PHE A 87 -22.52 9.07 -1.54
CA PHE A 87 -21.94 7.93 -0.80
C PHE A 87 -23.08 6.95 -0.54
N ASP A 88 -22.95 5.72 -1.04
CA ASP A 88 -23.99 4.67 -0.89
C ASP A 88 -25.23 5.10 -1.65
N SER A 89 -25.07 5.24 -2.96
CA SER A 89 -26.16 5.72 -3.80
C SER A 89 -27.29 4.69 -3.88
N LYS A 90 -26.98 3.41 -3.69
CA LYS A 90 -28.06 2.40 -3.73
C LYS A 90 -29.06 2.59 -2.56
N ARG A 91 -28.57 2.93 -1.38
CA ARG A 91 -29.41 3.21 -0.21
C ARG A 91 -30.33 4.35 -0.56
N ALA A 92 -29.78 5.43 -1.10
CA ALA A 92 -30.60 6.56 -1.53
C ALA A 92 -31.61 6.20 -2.60
N ALA A 93 -31.16 5.47 -3.63
CA ALA A 93 -31.98 5.12 -4.75
C ALA A 93 -33.17 4.30 -4.29
N VAL A 94 -32.91 3.33 -3.42
CA VAL A 94 -34.01 2.45 -2.94
C VAL A 94 -34.96 3.17 -1.99
N ALA A 95 -34.43 3.90 -1.03
CA ALA A 95 -35.27 4.72 -0.16
C ALA A 95 -36.15 5.65 -1.01
N LEU A 96 -35.61 6.26 -2.08
CA LEU A 96 -36.45 7.12 -2.89
C LEU A 96 -37.52 6.37 -3.64
N LYS A 97 -37.20 5.17 -4.13
CA LYS A 97 -38.19 4.34 -4.84
C LYS A 97 -39.34 4.09 -3.90
N TRP A 98 -39.04 3.87 -2.63
CA TRP A 98 -40.13 3.62 -1.62
C TRP A 98 -40.93 4.88 -1.35
N LYS A 99 -40.38 6.03 -1.71
CA LYS A 99 -41.09 7.32 -1.61
C LYS A 99 -41.66 7.74 -2.95
N GLY A 100 -41.60 6.84 -3.91
CA GLY A 100 -42.21 7.03 -5.22
C GLY A 100 -41.41 7.86 -6.20
N ILE A 101 -40.12 8.00 -5.93
CA ILE A 101 -39.27 8.90 -6.72
C ILE A 101 -38.09 8.16 -7.36
N GLU A 102 -37.86 8.44 -8.65
CA GLU A 102 -36.70 7.90 -9.38
C GLU A 102 -35.43 8.79 -9.30
N LEU A 103 -34.31 8.16 -8.95
CA LEU A 103 -33.00 8.81 -8.88
C LEU A 103 -32.15 8.33 -10.05
N CYS A 104 -31.72 9.30 -10.86
CA CYS A 104 -30.84 9.03 -12.00
C CYS A 104 -29.65 9.96 -11.97
N GLY A 105 -28.67 9.67 -12.82
CA GLY A 105 -27.52 10.51 -13.01
C GLY A 105 -26.42 10.39 -11.97
N VAL A 106 -26.37 9.30 -11.21
CA VAL A 106 -25.34 9.15 -10.22
C VAL A 106 -24.05 8.80 -10.97
N SER A 107 -23.06 9.70 -10.86
CA SER A 107 -21.83 9.57 -11.64
C SER A 107 -20.61 9.15 -10.78
N PHE A 108 -20.73 9.26 -9.46
CA PHE A 108 -19.67 8.86 -8.53
C PHE A 108 -20.25 8.42 -7.19
N ASP A 109 -19.79 7.25 -6.70
CA ASP A 109 -20.20 6.72 -5.40
C ASP A 109 -18.93 6.50 -4.55
N LEU A 110 -18.77 7.37 -3.57
CA LEU A 110 -17.61 7.37 -2.68
C LEU A 110 -17.49 6.07 -1.87
N LEU A 111 -18.61 5.45 -1.53
CA LEU A 111 -18.56 4.15 -0.81
C LEU A 111 -17.90 3.11 -1.69
N LEU A 112 -18.30 3.06 -2.95
CA LEU A 112 -17.78 2.06 -3.85
C LEU A 112 -16.33 2.40 -4.20
N ALA A 113 -16.02 3.67 -4.32
CA ALA A 113 -14.64 4.06 -4.61
C ALA A 113 -13.73 3.60 -3.47
N ALA A 114 -14.13 3.86 -2.24
CA ALA A 114 -13.31 3.48 -1.09
C ALA A 114 -13.15 1.96 -1.03
N TYR A 115 -14.27 1.26 -1.27
CA TYR A 115 -14.24 -0.20 -1.30
C TYR A 115 -13.22 -0.79 -2.27
N LEU A 116 -13.11 -0.23 -3.47
CA LEU A 116 -12.20 -0.77 -4.44
C LEU A 116 -10.76 -0.46 -4.07
N LEU A 117 -10.53 0.71 -3.50
CA LEU A 117 -9.17 1.08 -3.09
C LEU A 117 -8.64 0.16 -1.99
N ASP A 118 -9.50 -0.20 -1.03
CA ASP A 118 -9.06 -1.10 0.03
C ASP A 118 -10.27 -1.65 0.80
N PRO A 119 -10.69 -2.86 0.45
CA PRO A 119 -11.86 -3.41 1.14
C PRO A 119 -11.69 -3.64 2.65
N ALA A 120 -10.46 -3.77 3.13
CA ALA A 120 -10.20 -3.98 4.53
C ALA A 120 -10.47 -2.79 5.43
N GLN A 121 -10.61 -1.59 4.86
CA GLN A 121 -10.84 -0.42 5.70
C GLN A 121 -12.21 -0.49 6.37
N GLY A 122 -13.09 -1.31 5.79
CA GLY A 122 -14.44 -1.47 6.33
C GLY A 122 -15.21 -0.16 6.29
N VAL A 123 -14.96 0.64 5.27
CA VAL A 123 -15.57 1.95 5.19
C VAL A 123 -17.06 1.80 5.11
N ASP A 124 -17.78 2.40 6.05
CA ASP A 124 -19.23 2.37 5.96
C ASP A 124 -19.88 3.69 6.37
N ASP A 125 -19.07 4.74 6.48
CA ASP A 125 -19.64 6.06 6.44
C ASP A 125 -18.69 7.04 5.75
N VAL A 126 -19.19 8.23 5.47
CA VAL A 126 -18.39 9.25 4.80
C VAL A 126 -17.11 9.58 5.56
N ALA A 127 -17.20 9.72 6.88
CA ALA A 127 -16.03 10.07 7.70
C ALA A 127 -14.88 9.08 7.54
N ALA A 128 -15.23 7.79 7.48
CA ALA A 128 -14.27 6.71 7.33
C ALA A 128 -13.63 6.73 5.95
N ALA A 129 -14.38 7.10 4.91
CA ALA A 129 -13.76 7.33 3.60
C ALA A 129 -12.83 8.54 3.62
N ALA A 130 -13.29 9.61 4.25
CA ALA A 130 -12.56 10.86 4.36
C ALA A 130 -11.20 10.63 5.04
N LYS A 131 -11.19 9.81 6.08
CA LYS A 131 -9.95 9.42 6.77
C LYS A 131 -8.88 8.96 5.81
N MET A 132 -9.29 8.27 4.74
CA MET A 132 -8.35 7.73 3.74
C MET A 132 -7.53 8.81 3.01
N LYS A 133 -8.03 10.04 2.99
CA LYS A 133 -7.33 11.18 2.38
C LYS A 133 -7.07 12.28 3.40
N GLN A 134 -7.01 11.89 4.66
CA GLN A 134 -6.74 12.82 5.76
C GLN A 134 -7.68 14.04 5.74
N TYR A 135 -8.91 13.83 5.31
CA TYR A 135 -9.93 14.88 5.34
C TYR A 135 -10.68 14.76 6.67
N GLU A 136 -10.75 15.86 7.43
CA GLU A 136 -11.23 15.77 8.81
C GLU A 136 -12.46 16.62 9.12
N ALA A 137 -12.95 17.34 8.11
CA ALA A 137 -14.06 18.29 8.31
C ALA A 137 -15.45 17.64 8.26
N VAL A 138 -15.57 16.41 8.76
CA VAL A 138 -16.86 15.70 8.87
C VAL A 138 -16.82 14.71 10.03
N ARG A 139 -17.94 14.54 10.72
CA ARG A 139 -18.05 13.60 11.83
C ARG A 139 -18.54 12.22 11.38
N PRO A 140 -18.13 11.15 12.11
CA PRO A 140 -18.73 9.84 11.90
C PRO A 140 -20.20 9.87 12.19
N ASP A 141 -20.95 9.04 11.46
CA ASP A 141 -22.39 9.01 11.63
C ASP A 141 -22.72 8.60 13.07
N GLU A 142 -21.95 7.67 13.62
CA GLU A 142 -22.27 7.13 14.95
C GLU A 142 -22.12 8.19 16.04
N ALA A 143 -21.28 9.19 15.79
CA ALA A 143 -21.05 10.26 16.75
C ALA A 143 -22.22 11.24 16.79
N VAL A 144 -22.93 11.34 15.66
CA VAL A 144 -24.04 12.27 15.50
C VAL A 144 -25.37 11.63 15.90
N TYR A 145 -25.53 10.36 15.55
CA TYR A 145 -26.81 9.68 15.77
C TYR A 145 -26.86 8.89 17.07
N GLY A 146 -25.70 8.49 17.58
CA GLY A 146 -25.65 7.63 18.76
C GLY A 146 -25.88 6.17 18.41
N LYS A 147 -25.79 5.29 19.42
CA LYS A 147 -25.92 3.85 19.17
C LYS A 147 -27.05 3.20 19.95
N GLY A 148 -27.51 2.06 19.43
CA GLY A 148 -28.48 1.23 20.12
C GLY A 148 -29.76 1.97 20.43
N ALA A 149 -30.26 1.77 21.65
CA ALA A 149 -31.50 2.37 22.07
C ALA A 149 -31.36 3.87 22.30
N LYS A 150 -30.15 4.40 22.16
CA LYS A 150 -29.93 5.85 22.25
C LYS A 150 -29.92 6.53 20.87
N ARG A 151 -30.00 5.73 19.81
CA ARG A 151 -29.89 6.26 18.46
C ARG A 151 -31.10 7.14 18.11
N ALA A 152 -30.83 8.36 17.65
CA ALA A 152 -31.89 9.34 17.38
C ALA A 152 -31.43 10.43 16.40
N VAL A 153 -32.36 10.94 15.60
CA VAL A 153 -32.08 12.09 14.74
C VAL A 153 -31.98 13.33 15.64
N PRO A 154 -30.85 14.05 15.53
CA PRO A 154 -30.57 15.22 16.37
C PRO A 154 -31.37 16.44 15.93
N ASP A 155 -31.27 17.55 16.66
CA ASP A 155 -32.05 18.74 16.30
C ASP A 155 -31.63 19.28 14.93
N GLU A 156 -32.57 19.92 14.23
CA GLU A 156 -32.38 20.28 12.82
C GLU A 156 -31.07 21.01 12.50
N PRO A 157 -30.67 22.00 13.32
CA PRO A 157 -29.41 22.65 12.97
C PRO A 157 -28.19 21.69 13.05
N VAL A 158 -28.22 20.75 13.99
CA VAL A 158 -27.14 19.79 14.11
C VAL A 158 -27.20 18.77 12.98
N LEU A 159 -28.40 18.32 12.65
CA LEU A 159 -28.59 17.40 11.54
C LEU A 159 -28.15 18.04 10.22
N ALA A 160 -28.59 19.27 10.00
CA ALA A 160 -28.31 20.00 8.77
C ALA A 160 -26.80 20.16 8.55
N GLU A 161 -26.09 20.57 9.60
CA GLU A 161 -24.64 20.75 9.48
C GLU A 161 -23.97 19.42 9.10
N HIS A 162 -24.38 18.34 9.75
CA HIS A 162 -23.79 17.03 9.47
C HIS A 162 -24.00 16.66 8.01
N LEU A 163 -25.22 16.84 7.51
CA LEU A 163 -25.52 16.39 6.17
C LEU A 163 -24.78 17.24 5.15
N VAL A 164 -24.68 18.55 5.43
CA VAL A 164 -23.97 19.44 4.54
C VAL A 164 -22.47 19.08 4.57
N ARG A 165 -21.94 18.80 5.77
CA ARG A 165 -20.52 18.40 5.87
C ARG A 165 -20.26 17.12 5.10
N LYS A 166 -21.20 16.19 5.13
CA LYS A 166 -21.04 14.99 4.33
C LYS A 166 -21.04 15.30 2.83
N ALA A 167 -21.97 16.14 2.36
CA ALA A 167 -22.00 16.48 0.94
C ALA A 167 -20.75 17.24 0.54
N ALA A 168 -20.28 18.15 1.40
CA ALA A 168 -19.03 18.90 1.12
C ALA A 168 -17.83 17.96 1.05
N ALA A 169 -17.79 16.96 1.92
CA ALA A 169 -16.73 15.95 1.86
C ALA A 169 -16.77 15.17 0.53
N ILE A 170 -17.94 14.75 0.07
CA ILE A 170 -18.05 14.04 -1.21
C ILE A 170 -17.57 14.92 -2.37
N TRP A 171 -18.05 16.16 -2.38
CA TRP A 171 -17.64 17.18 -3.35
C TRP A 171 -16.11 17.36 -3.43
N GLU A 172 -15.46 17.45 -2.28
CA GLU A 172 -14.01 17.60 -2.20
C GLU A 172 -13.20 16.31 -2.43
N LEU A 173 -13.80 15.15 -2.16
CA LEU A 173 -13.05 13.89 -2.16
C LEU A 173 -13.13 13.17 -3.48
N GLU A 174 -14.08 13.55 -4.31
CA GLU A 174 -14.26 12.86 -5.58
C GLU A 174 -12.97 12.85 -6.41
N ARG A 175 -12.36 14.00 -6.61
CA ARG A 175 -11.18 14.00 -7.46
C ARG A 175 -10.01 13.19 -6.88
N PRO A 176 -9.69 13.39 -5.59
CA PRO A 176 -8.63 12.60 -4.94
C PRO A 176 -8.89 11.11 -5.03
N PHE A 177 -10.14 10.67 -4.91
CA PHE A 177 -10.40 9.25 -5.04
C PHE A 177 -10.28 8.75 -6.46
N LEU A 178 -10.85 9.47 -7.41
CA LEU A 178 -10.73 9.07 -8.79
C LEU A 178 -9.25 9.03 -9.20
N ASP A 179 -8.47 10.01 -8.73
CA ASP A 179 -7.06 10.05 -9.07
CA ASP A 179 -7.06 10.05 -9.07
C ASP A 179 -6.37 8.78 -8.61
N GLU A 180 -6.64 8.37 -7.37
CA GLU A 180 -6.01 7.15 -6.86
C GLU A 180 -6.49 5.91 -7.63
N LEU A 181 -7.78 5.86 -7.97
CA LEU A 181 -8.28 4.75 -8.75
C LEU A 181 -7.63 4.69 -10.12
N ARG A 182 -7.43 5.86 -10.75
CA ARG A 182 -6.73 5.89 -12.02
C ARG A 182 -5.33 5.36 -11.87
N ARG A 183 -4.61 5.77 -10.80
CA ARG A 183 -3.23 5.30 -10.61
C ARG A 183 -3.15 3.78 -10.42
N ASN A 184 -4.15 3.20 -9.75
CA ASN A 184 -4.28 1.74 -9.63
C ASN A 184 -4.90 1.01 -10.83
N GLU A 185 -5.28 1.74 -11.88
CA GLU A 185 -6.04 1.17 -13.02
C GLU A 185 -7.29 0.46 -12.55
N GLN A 186 -8.04 1.17 -11.71
CA GLN A 186 -9.33 0.70 -11.19
C GLN A 186 -10.47 1.65 -11.52
N ASP A 187 -10.23 2.75 -12.24
CA ASP A 187 -11.33 3.69 -12.44
C ASP A 187 -12.42 3.07 -13.32
N ARG A 188 -12.07 2.23 -14.28
CA ARG A 188 -13.08 1.60 -15.15
C ARG A 188 -13.88 0.61 -14.32
N LEU A 189 -13.18 -0.11 -13.43
CA LEU A 189 -13.88 -1.02 -12.50
C LEU A 189 -15.01 -0.29 -11.73
N LEU A 190 -14.74 0.94 -11.31
CA LEU A 190 -15.74 1.74 -10.63
C LEU A 190 -16.86 2.21 -11.54
N VAL A 191 -16.48 2.85 -12.64
CA VAL A 191 -17.44 3.65 -13.42
C VAL A 191 -18.22 2.76 -14.40
N GLU A 192 -17.58 1.72 -14.90
CA GLU A 192 -18.19 0.79 -15.85
C GLU A 192 -18.75 -0.48 -15.22
N LEU A 193 -18.31 -0.85 -14.02
CA LEU A 193 -18.79 -2.09 -13.42
C LEU A 193 -19.57 -1.86 -12.13
N GLU A 194 -18.92 -1.41 -11.07
CA GLU A 194 -19.61 -1.33 -9.77
C GLU A 194 -20.75 -0.32 -9.75
N GLN A 195 -20.56 0.86 -10.32
CA GLN A 195 -21.64 1.85 -10.29
C GLN A 195 -22.89 1.45 -11.09
N PRO A 196 -22.72 0.96 -12.31
CA PRO A 196 -23.91 0.43 -13.00
C PRO A 196 -24.54 -0.75 -12.27
N LEU A 197 -23.72 -1.63 -11.69
CA LEU A 197 -24.24 -2.78 -10.93
C LEU A 197 -25.12 -2.29 -9.76
N SER A 198 -24.70 -1.22 -9.12
CA SER A 198 -25.46 -0.63 -8.00
C SER A 198 -26.93 -0.37 -8.39
N SER A 199 -27.14 0.19 -9.59
CA SER A 199 -28.48 0.52 -10.04
C SER A 199 -29.29 -0.74 -10.29
N ILE A 200 -28.66 -1.76 -10.86
CA ILE A 200 -29.29 -3.06 -11.09
C ILE A 200 -29.67 -3.69 -9.74
N LEU A 201 -28.75 -3.69 -8.78
CA LEU A 201 -29.06 -4.24 -7.43
C LEU A 201 -30.22 -3.47 -6.78
N ALA A 202 -30.30 -2.16 -7.02
CA ALA A 202 -31.37 -1.33 -6.45
C ALA A 202 -32.74 -1.81 -6.97
N GLU A 203 -32.80 -2.06 -8.26
CA GLU A 203 -34.03 -2.57 -8.91
C GLU A 203 -34.41 -3.92 -8.33
N MET A 204 -33.44 -4.81 -8.18
CA MET A 204 -33.71 -6.17 -7.68
C MET A 204 -34.24 -6.08 -6.27
N GLU A 205 -33.60 -5.28 -5.43
CA GLU A 205 -34.01 -5.14 -4.04
C GLU A 205 -35.44 -4.58 -3.93
N PHE A 206 -35.73 -3.55 -4.70
CA PHE A 206 -37.04 -2.92 -4.63
C PHE A 206 -38.14 -3.85 -5.18
N ALA A 207 -37.81 -4.62 -6.19
CA ALA A 207 -38.79 -5.59 -6.74
C ALA A 207 -39.18 -6.64 -5.72
N GLY A 208 -38.18 -7.17 -4.99
CA GLY A 208 -38.41 -8.21 -4.02
C GLY A 208 -38.78 -9.53 -4.65
N VAL A 209 -38.97 -10.52 -3.77
CA VAL A 209 -39.35 -11.87 -4.19
C VAL A 209 -40.61 -12.22 -3.42
N LYS A 210 -41.61 -12.73 -4.14
CA LYS A 210 -42.90 -13.09 -3.56
C LYS A 210 -42.83 -14.45 -2.84
N VAL A 211 -43.48 -14.49 -1.67
CA VAL A 211 -43.48 -15.67 -0.82
C VAL A 211 -44.93 -16.21 -0.70
N ASP A 212 -45.03 -17.53 -0.79
CA ASP A 212 -46.28 -18.21 -0.57
C ASP A 212 -46.40 -18.45 0.91
N THR A 213 -47.04 -17.53 1.63
CA THR A 213 -47.07 -17.60 3.07
C THR A 213 -47.99 -18.74 3.57
N LYS A 214 -49.02 -19.05 2.78
CA LYS A 214 -49.88 -20.17 3.13
C LYS A 214 -49.06 -21.45 3.19
N ARG A 215 -48.22 -21.65 2.18
CA ARG A 215 -47.43 -22.87 2.10
C ARG A 215 -46.36 -22.85 3.14
N LEU A 216 -45.73 -21.68 3.35
CA LEU A 216 -44.68 -21.59 4.35
C LEU A 216 -45.17 -21.84 5.76
N GLU A 217 -46.37 -21.35 6.07
CA GLU A 217 -46.96 -21.53 7.40
C GLU A 217 -47.36 -22.99 7.64
N GLN A 218 -47.87 -23.65 6.61
CA GLN A 218 -48.26 -25.06 6.71
C GLN A 218 -46.99 -25.90 6.94
N MET A 219 -45.91 -25.56 6.22
CA MET A 219 -44.63 -26.24 6.41
C MET A 219 -44.15 -26.05 7.85
N GLY A 220 -44.28 -24.82 8.39
CA GLY A 220 -43.87 -24.59 9.74
C GLY A 220 -44.69 -25.33 10.79
N LYS A 221 -45.99 -25.48 10.53
CA LYS A 221 -46.83 -26.13 11.51
C LYS A 221 -46.44 -27.62 11.58
N GLU A 222 -46.20 -28.21 10.41
CA GLU A 222 -45.77 -29.61 10.32
C GLU A 222 -44.37 -29.81 10.88
N LEU A 223 -43.46 -28.89 10.56
CA LEU A 223 -42.10 -28.94 11.10
C LEU A 223 -42.08 -28.91 12.64
N ALA A 224 -42.93 -28.06 13.24
CA ALA A 224 -43.01 -27.98 14.70
C ALA A 224 -43.42 -29.34 15.31
N GLU A 225 -44.32 -30.07 14.64
CA GLU A 225 -44.71 -31.38 15.11
C GLU A 225 -43.54 -32.35 15.02
N GLN A 226 -42.88 -32.36 13.87
CA GLN A 226 -41.73 -33.23 13.69
C GLN A 226 -40.61 -32.92 14.70
N LEU A 227 -40.33 -31.64 14.92
CA LEU A 227 -39.33 -31.26 15.90
C LEU A 227 -39.69 -31.74 17.29
N GLY A 228 -40.97 -31.66 17.64
CA GLY A 228 -41.40 -32.12 18.95
C GLY A 228 -41.10 -33.60 19.12
N THR A 229 -41.27 -34.36 18.05
CA THR A 229 -41.08 -35.81 18.11
C THR A 229 -39.61 -36.18 18.27
N VAL A 230 -38.75 -35.48 17.52
CA VAL A 230 -37.31 -35.75 17.55
C VAL A 230 -36.78 -35.32 18.91
N GLU A 231 -37.26 -34.17 19.39
CA GLU A 231 -36.89 -33.68 20.71
C GLU A 231 -37.15 -34.73 21.80
N GLN A 232 -38.33 -35.35 21.77
CA GLN A 232 -38.66 -36.33 22.80
C GLN A 232 -37.83 -37.57 22.65
N ARG A 233 -37.55 -37.99 21.42
CA ARG A 233 -36.68 -39.16 21.21
C ARG A 233 -35.30 -38.89 21.83
N ILE A 234 -34.77 -37.69 21.58
CA ILE A 234 -33.48 -37.31 22.15
C ILE A 234 -33.51 -37.34 23.69
N TYR A 235 -34.60 -36.89 24.30
CA TYR A 235 -34.64 -36.86 25.76
C TYR A 235 -34.68 -38.29 26.30
N GLU A 236 -35.33 -39.18 25.56
CA GLU A 236 -35.41 -40.60 25.91
C GLU A 236 -34.02 -41.23 25.90
N LEU A 237 -33.34 -41.09 24.76
CA LEU A 237 -31.97 -41.59 24.59
C LEU A 237 -31.01 -41.04 25.64
N ALA A 238 -31.22 -39.79 26.02
CA ALA A 238 -30.37 -39.15 26.99
C ALA A 238 -30.71 -39.52 28.44
N GLY A 239 -31.91 -40.06 28.63
CA GLY A 239 -32.41 -40.34 29.97
C GLY A 239 -32.79 -39.11 30.76
N GLN A 240 -32.99 -37.99 30.06
CA GLN A 240 -33.33 -36.73 30.72
C GLN A 240 -33.58 -35.59 29.74
N GLU A 241 -34.22 -34.53 30.24
CA GLU A 241 -34.46 -33.34 29.44
C GLU A 241 -33.32 -32.36 29.59
N PHE A 242 -33.03 -31.64 28.51
CA PHE A 242 -32.01 -30.62 28.53
C PHE A 242 -32.21 -29.75 27.30
N ASN A 243 -31.54 -28.61 27.26
CA ASN A 243 -31.61 -27.74 26.10
C ASN A 243 -30.61 -28.17 25.02
N ILE A 244 -31.13 -28.80 23.98
CA ILE A 244 -30.31 -29.32 22.88
C ILE A 244 -29.57 -28.21 22.18
N ASN A 245 -30.11 -27.00 22.26
CA ASN A 245 -29.51 -25.85 21.58
C ASN A 245 -28.45 -25.09 22.39
N SER A 246 -28.09 -25.64 23.53
CA SER A 246 -26.98 -25.13 24.29
C SER A 246 -25.83 -26.10 24.06
N PRO A 247 -24.85 -25.73 23.22
CA PRO A 247 -23.71 -26.66 23.10
C PRO A 247 -23.10 -27.07 24.44
N LYS A 248 -23.20 -26.17 25.42
CA LYS A 248 -22.74 -26.42 26.78
C LYS A 248 -23.49 -27.55 27.51
N GLN A 249 -24.82 -27.41 27.63
CA GLN A 249 -25.64 -28.47 28.23
C GLN A 249 -25.50 -29.74 27.41
N LEU A 250 -25.44 -29.59 26.09
CA LEU A 250 -25.29 -30.73 25.19
C LEU A 250 -23.95 -31.42 25.45
N GLY A 251 -22.92 -30.64 25.73
CA GLY A 251 -21.59 -31.19 25.93
C GLY A 251 -21.63 -32.03 27.18
N VAL A 252 -22.38 -31.59 28.18
CA VAL A 252 -22.46 -32.36 29.42
C VAL A 252 -23.13 -33.70 29.18
N ILE A 253 -24.25 -33.70 28.44
CA ILE A 253 -24.89 -34.95 28.11
C ILE A 253 -23.95 -35.90 27.36
N LEU A 254 -23.37 -35.41 26.26
CA LEU A 254 -22.54 -36.29 25.42
C LEU A 254 -21.24 -36.76 26.07
N PHE A 255 -20.51 -35.86 26.70
CA PHE A 255 -19.14 -36.15 27.09
C PHE A 255 -18.95 -36.41 28.56
N GLU A 256 -19.99 -36.13 29.32
CA GLU A 256 -19.95 -36.44 30.73
C GLU A 256 -20.96 -37.52 31.08
N LYS A 257 -22.25 -37.30 30.84
CA LYS A 257 -23.22 -38.35 31.13
C LYS A 257 -23.04 -39.64 30.32
N LEU A 258 -22.99 -39.49 29.00
CA LEU A 258 -22.91 -40.63 28.09
C LEU A 258 -21.46 -41.08 27.85
N GLN A 259 -20.48 -40.25 28.26
CA GLN A 259 -19.05 -40.62 28.19
C GLN A 259 -18.55 -40.95 26.79
N LEU A 260 -19.02 -40.19 25.81
CA LEU A 260 -18.54 -40.38 24.44
C LEU A 260 -17.15 -39.77 24.34
N PRO A 261 -16.39 -40.20 23.33
CA PRO A 261 -15.04 -39.63 23.27
C PRO A 261 -15.05 -38.13 22.96
N VAL A 262 -14.06 -37.41 23.46
CA VAL A 262 -13.88 -35.99 23.15
C VAL A 262 -12.90 -35.86 22.03
N LEU A 263 -13.41 -35.48 20.87
CA LEU A 263 -12.59 -35.43 19.66
C LEU A 263 -12.02 -34.04 19.45
N LYS A 264 -12.62 -33.04 20.09
CA LYS A 264 -12.24 -31.64 19.85
C LYS A 264 -12.81 -30.71 20.94
N LYS A 265 -12.02 -29.72 21.30
CA LYS A 265 -12.46 -28.68 22.21
C LYS A 265 -12.35 -27.34 21.52
N THR A 266 -13.15 -26.39 21.97
CA THR A 266 -12.91 -24.99 21.65
C THR A 266 -12.58 -24.21 22.91
N LYS A 267 -12.41 -22.89 22.80
CA LYS A 267 -11.99 -22.13 23.96
C LYS A 267 -13.05 -22.09 25.05
N THR A 268 -14.33 -22.33 24.71
CA THR A 268 -15.34 -22.35 25.78
C THR A 268 -15.75 -23.74 26.30
N GLY A 269 -15.39 -24.82 25.61
CA GLY A 269 -15.60 -26.16 26.12
C GLY A 269 -15.52 -27.24 25.05
N TYR A 270 -16.36 -28.25 25.17
CA TYR A 270 -16.39 -29.36 24.20
C TYR A 270 -16.98 -28.97 22.87
N SER A 271 -16.35 -29.35 21.75
CA SER A 271 -16.96 -29.13 20.46
C SER A 271 -18.14 -30.08 20.24
N THR A 272 -19.25 -29.56 19.71
CA THR A 272 -20.31 -30.43 19.21
C THR A 272 -20.62 -30.10 17.78
N SER A 273 -19.65 -29.70 16.99
CA SER A 273 -19.91 -29.35 15.61
C SER A 273 -20.42 -30.60 14.87
N ALA A 274 -21.08 -30.39 13.75
CA ALA A 274 -21.60 -31.49 12.93
C ALA A 274 -20.46 -32.44 12.54
N ASP A 275 -19.29 -31.89 12.20
CA ASP A 275 -18.11 -32.73 11.87
C ASP A 275 -17.85 -33.75 12.96
N VAL A 276 -17.74 -33.27 14.19
CA VAL A 276 -17.53 -34.10 15.36
C VAL A 276 -18.66 -35.09 15.59
N LEU A 277 -19.90 -34.62 15.63
CA LEU A 277 -21.00 -35.50 15.93
C LEU A 277 -21.05 -36.62 14.91
N GLU A 278 -20.75 -36.30 13.65
CA GLU A 278 -20.87 -37.33 12.62
C GLU A 278 -19.90 -38.44 12.98
N LYS A 279 -18.76 -38.09 13.56
CA LYS A 279 -17.70 -39.09 13.84
C LYS A 279 -18.05 -39.95 15.06
N LEU A 280 -19.03 -39.49 15.84
CA LEU A 280 -19.43 -40.16 17.06
C LEU A 280 -20.65 -41.07 16.80
N ALA A 281 -21.14 -41.09 15.55
CA ALA A 281 -22.38 -41.80 15.27
C ALA A 281 -22.25 -43.30 15.57
N PRO A 282 -21.03 -43.87 15.44
CA PRO A 282 -20.96 -45.31 15.76
C PRO A 282 -21.07 -45.61 17.24
N TYR A 283 -20.97 -44.57 18.08
CA TYR A 283 -20.97 -44.79 19.52
C TYR A 283 -22.33 -44.74 20.20
N HIS A 284 -23.26 -43.93 19.69
CA HIS A 284 -24.57 -43.77 20.32
C HIS A 284 -25.59 -43.19 19.34
N GLU A 285 -26.81 -43.72 19.30
CA GLU A 285 -27.77 -43.24 18.31
C GLU A 285 -28.30 -41.82 18.63
N ILE A 286 -27.95 -41.28 19.79
CA ILE A 286 -28.42 -39.93 20.15
C ILE A 286 -27.80 -38.93 19.19
N VAL A 287 -26.62 -39.23 18.64
CA VAL A 287 -25.91 -38.17 17.90
C VAL A 287 -26.55 -37.87 16.57
N GLU A 288 -27.03 -38.89 15.86
CA GLU A 288 -27.71 -38.65 14.59
C GLU A 288 -29.03 -37.91 14.86
N ASN A 289 -29.69 -38.23 15.97
CA ASN A 289 -30.93 -37.54 16.30
C ASN A 289 -30.66 -36.05 16.55
N ILE A 290 -29.61 -35.76 17.28
CA ILE A 290 -29.24 -34.37 17.58
C ILE A 290 -28.90 -33.62 16.31
N LEU A 291 -28.11 -34.24 15.44
CA LEU A 291 -27.84 -33.61 14.15
C LEU A 291 -29.13 -33.26 13.39
N HIS A 292 -30.07 -34.19 13.34
CA HIS A 292 -31.34 -33.96 12.66
C HIS A 292 -32.16 -32.87 13.34
N TYR A 293 -32.20 -32.89 14.66
CA TYR A 293 -32.91 -31.86 15.44
C TYR A 293 -32.37 -30.48 15.15
N ARG A 294 -31.05 -30.35 15.10
CA ARG A 294 -30.48 -29.04 14.85
C ARG A 294 -30.71 -28.55 13.43
N GLN A 295 -30.80 -29.46 12.47
CA GLN A 295 -31.17 -29.09 11.11
C GLN A 295 -32.60 -28.58 11.11
N LEU A 296 -33.52 -29.37 11.68
CA LEU A 296 -34.93 -29.00 11.68
C LEU A 296 -35.14 -27.68 12.44
N GLY A 297 -34.43 -27.54 13.55
CA GLY A 297 -34.45 -26.33 14.37
C GLY A 297 -34.01 -25.09 13.61
N LYS A 298 -32.99 -25.22 12.77
CA LYS A 298 -32.55 -24.10 11.94
C LYS A 298 -33.56 -23.76 10.85
N LEU A 299 -34.17 -24.76 10.22
CA LEU A 299 -35.24 -24.53 9.26
C LEU A 299 -36.34 -23.72 9.95
N GLN A 300 -36.73 -24.11 11.15
N GLN A 300 -36.74 -24.15 11.14
CA GLN A 300 -37.83 -23.41 11.81
CA GLN A 300 -37.80 -23.45 11.90
C GLN A 300 -37.45 -21.99 12.28
C GLN A 300 -37.40 -22.00 12.21
N SER A 301 -36.28 -21.82 12.88
CA SER A 301 -35.96 -20.50 13.42
C SER A 301 -35.68 -19.47 12.34
N THR A 302 -35.07 -19.92 11.25
CA THR A 302 -34.50 -19.04 10.26
C THR A 302 -35.31 -19.00 8.96
N TYR A 303 -35.64 -20.16 8.40
CA TYR A 303 -36.27 -20.18 7.08
C TYR A 303 -37.80 -20.27 7.14
N ILE A 304 -38.36 -20.49 8.31
CA ILE A 304 -39.79 -20.32 8.48
C ILE A 304 -40.09 -19.06 9.30
N GLU A 305 -39.74 -19.10 10.59
CA GLU A 305 -40.03 -17.97 11.47
C GLU A 305 -39.26 -16.71 11.11
N GLY A 306 -37.94 -16.79 10.92
CA GLY A 306 -37.22 -15.58 10.58
C GLY A 306 -37.65 -15.01 9.26
N LEU A 307 -37.92 -15.88 8.30
CA LEU A 307 -38.39 -15.45 7.00
C LEU A 307 -39.76 -14.74 7.09
N LEU A 308 -40.72 -15.37 7.76
CA LEU A 308 -42.04 -14.76 7.93
C LEU A 308 -41.97 -13.40 8.59
N LYS A 309 -41.04 -13.21 9.52
CA LYS A 309 -40.85 -11.89 10.17
C LYS A 309 -40.47 -10.74 9.22
N VAL A 310 -39.85 -11.06 8.09
CA VAL A 310 -39.41 -10.03 7.17
C VAL A 310 -40.24 -9.96 5.91
N VAL A 311 -41.31 -10.78 5.86
CA VAL A 311 -42.25 -10.69 4.75
C VAL A 311 -43.11 -9.43 4.95
N ARG A 312 -43.23 -8.62 3.91
CA ARG A 312 -44.06 -7.41 3.99
C ARG A 312 -45.49 -7.89 3.76
N PRO A 313 -46.35 -7.73 4.77
CA PRO A 313 -47.61 -8.48 4.72
C PRO A 313 -48.53 -8.11 3.54
N ALA A 314 -48.54 -6.83 3.15
CA ALA A 314 -49.48 -6.39 2.11
C ALA A 314 -49.21 -6.97 0.73
N THR A 315 -47.96 -7.26 0.43
CA THR A 315 -47.57 -7.72 -0.87
C THR A 315 -46.98 -9.13 -0.86
N LYS A 316 -46.71 -9.66 0.33
CA LYS A 316 -46.10 -10.97 0.53
C LYS A 316 -44.71 -11.04 -0.08
N LYS A 317 -44.04 -9.89 -0.13
CA LYS A 317 -42.68 -9.89 -0.69
C LYS A 317 -41.61 -9.73 0.37
N VAL A 318 -40.46 -10.35 0.11
CA VAL A 318 -39.28 -10.05 0.93
C VAL A 318 -38.31 -9.26 0.10
N HIS A 319 -37.71 -8.28 0.75
CA HIS A 319 -36.76 -7.41 0.07
C HIS A 319 -35.38 -7.46 0.72
N THR A 320 -34.50 -8.29 0.16
CA THR A 320 -33.14 -8.35 0.69
C THR A 320 -32.36 -7.05 0.40
N ILE A 321 -31.25 -6.88 1.11
CA ILE A 321 -30.24 -5.86 0.77
C ILE A 321 -28.99 -6.63 0.37
N PHE A 322 -28.54 -6.42 -0.87
CA PHE A 322 -27.24 -6.89 -1.33
C PHE A 322 -26.15 -5.93 -0.95
N ASN A 323 -25.29 -6.32 -0.02
CA ASN A 323 -24.20 -5.47 0.41
CA ASN A 323 -24.19 -5.46 0.42
C ASN A 323 -23.08 -5.58 -0.61
N GLN A 324 -22.84 -4.47 -1.29
CA GLN A 324 -21.91 -4.44 -2.38
C GLN A 324 -20.52 -3.95 -1.96
N ALA A 325 -20.36 -3.50 -0.73
CA ALA A 325 -19.05 -2.96 -0.30
C ALA A 325 -18.63 -3.58 1.02
N LEU A 326 -18.78 -4.89 1.11
CA LEU A 326 -18.54 -5.59 2.37
C LEU A 326 -17.47 -6.67 2.27
N THR A 327 -17.60 -7.60 1.30
CA THR A 327 -16.71 -8.75 1.34
C THR A 327 -15.32 -8.41 0.88
N GLN A 328 -14.38 -9.20 1.34
CA GLN A 328 -12.98 -8.88 1.09
C GLN A 328 -12.50 -9.31 -0.30
N THR A 329 -13.33 -10.04 -1.03
CA THR A 329 -12.95 -10.60 -2.32
C THR A 329 -13.71 -10.01 -3.50
N GLY A 330 -14.72 -9.18 -3.26
CA GLY A 330 -15.56 -8.59 -4.30
C GLY A 330 -16.88 -9.28 -4.51
N ARG A 331 -17.12 -10.36 -3.77
CA ARG A 331 -18.47 -10.91 -3.75
C ARG A 331 -19.47 -9.91 -3.15
N LEU A 332 -20.73 -10.15 -3.41
CA LEU A 332 -21.82 -9.52 -2.69
C LEU A 332 -22.13 -10.34 -1.44
N SER A 333 -22.83 -9.74 -0.48
CA SER A 333 -23.56 -10.54 0.51
C SER A 333 -25.00 -10.07 0.54
N SER A 334 -25.82 -10.83 1.26
CA SER A 334 -27.31 -10.64 1.22
C SER A 334 -27.80 -10.70 2.67
N THR A 335 -28.54 -9.67 3.10
CA THR A 335 -28.96 -9.52 4.47
C THR A 335 -30.43 -9.19 4.56
N GLU A 336 -31.01 -9.71 5.64
CA GLU A 336 -32.33 -9.33 6.15
C GLU A 336 -33.45 -9.33 5.10
N PRO A 337 -33.75 -10.50 4.55
CA PRO A 337 -33.14 -11.79 4.84
C PRO A 337 -31.94 -12.09 3.93
N ASN A 338 -31.08 -13.01 4.34
CA ASN A 338 -30.11 -13.58 3.41
C ASN A 338 -30.83 -14.55 2.48
N LEU A 339 -30.92 -14.20 1.20
CA LEU A 339 -31.51 -15.07 0.20
C LEU A 339 -30.46 -15.80 -0.62
N GLN A 340 -29.23 -15.77 -0.13
CA GLN A 340 -28.13 -16.51 -0.76
C GLN A 340 -27.73 -17.77 0.01
N ASN A 341 -28.45 -18.08 1.09
CA ASN A 341 -28.18 -19.31 1.83
C ASN A 341 -29.47 -20.11 2.11
N ILE A 342 -30.39 -20.09 1.15
CA ILE A 342 -31.62 -20.87 1.28
C ILE A 342 -31.29 -22.35 1.04
N PRO A 343 -31.85 -23.24 1.87
CA PRO A 343 -31.46 -24.65 1.83
C PRO A 343 -31.67 -25.32 0.47
N ILE A 344 -30.76 -26.25 0.19
CA ILE A 344 -30.83 -26.98 -1.05
C ILE A 344 -30.33 -28.41 -0.95
N ARG A 345 -29.38 -28.66 -0.06
CA ARG A 345 -28.66 -29.92 -0.14
C ARG A 345 -29.46 -31.13 0.37
N LEU A 346 -30.34 -30.91 1.35
CA LEU A 346 -31.21 -31.98 1.87
C LEU A 346 -32.61 -31.74 1.38
N GLU A 347 -33.34 -32.77 0.94
CA GLU A 347 -34.70 -32.54 0.48
C GLU A 347 -35.61 -31.86 1.52
N GLU A 348 -35.46 -32.24 2.78
CA GLU A 348 -36.23 -31.64 3.88
C GLU A 348 -36.09 -30.11 3.84
N GLY A 349 -34.88 -29.63 3.60
CA GLY A 349 -34.63 -28.20 3.66
C GLY A 349 -35.00 -27.56 2.33
N ARG A 350 -34.69 -28.26 1.25
CA ARG A 350 -34.91 -27.74 -0.09
C ARG A 350 -36.38 -27.34 -0.32
N LYS A 351 -37.31 -28.02 0.36
CA LYS A 351 -38.73 -27.68 0.23
C LYS A 351 -39.08 -26.24 0.61
N ILE A 352 -38.24 -25.59 1.41
CA ILE A 352 -38.41 -24.17 1.65
C ILE A 352 -38.51 -23.36 0.33
N ARG A 353 -37.83 -23.81 -0.72
CA ARG A 353 -37.85 -23.09 -2.00
C ARG A 353 -39.22 -23.11 -2.69
N GLN A 354 -40.09 -24.05 -2.31
CA GLN A 354 -41.44 -24.04 -2.89
C GLN A 354 -42.21 -22.79 -2.48
N ALA A 355 -41.73 -22.10 -1.44
CA ALA A 355 -42.46 -20.93 -0.95
C ALA A 355 -42.02 -19.64 -1.64
N PHE A 356 -40.97 -19.73 -2.48
CA PHE A 356 -40.53 -18.60 -3.27
C PHE A 356 -41.11 -18.72 -4.68
N VAL A 357 -42.04 -17.81 -4.99
CA VAL A 357 -42.86 -17.91 -6.18
C VAL A 357 -42.81 -16.64 -7.02
N PRO A 358 -43.25 -16.72 -8.30
CA PRO A 358 -43.33 -15.52 -9.14
C PRO A 358 -44.30 -14.49 -8.62
N SER A 359 -44.06 -13.23 -9.00
CA SER A 359 -44.78 -12.13 -8.42
C SER A 359 -46.09 -11.88 -9.15
N GLU A 360 -46.27 -12.55 -10.28
CA GLU A 360 -47.51 -12.40 -11.05
C GLU A 360 -47.96 -13.79 -11.45
N SER A 361 -49.26 -13.94 -11.67
CA SER A 361 -49.79 -15.19 -12.18
C SER A 361 -49.30 -15.38 -13.60
N ASP A 362 -49.03 -16.64 -13.94
CA ASP A 362 -48.59 -17.03 -15.27
C ASP A 362 -47.15 -16.62 -15.56
N TRP A 363 -46.41 -16.33 -14.49
CA TRP A 363 -44.97 -16.11 -14.60
C TRP A 363 -44.26 -17.32 -14.03
N LEU A 364 -42.98 -17.43 -14.34
CA LEU A 364 -42.16 -18.55 -13.89
C LEU A 364 -40.82 -18.03 -13.36
N ILE A 365 -40.13 -18.90 -12.61
CA ILE A 365 -38.79 -18.61 -12.07
C ILE A 365 -37.77 -19.26 -13.00
N PHE A 366 -36.71 -18.52 -13.33
CA PHE A 366 -35.68 -19.00 -14.22
C PHE A 366 -34.35 -18.87 -13.46
N ALA A 367 -33.61 -19.96 -13.35
CA ALA A 367 -32.36 -20.00 -12.59
C ALA A 367 -31.21 -20.48 -13.46
N ALA A 368 -30.12 -19.73 -13.47
CA ALA A 368 -28.94 -20.08 -14.27
C ALA A 368 -27.67 -20.02 -13.43
N ASP A 369 -26.84 -21.06 -13.51
CA ASP A 369 -25.68 -21.28 -12.64
C ASP A 369 -24.41 -21.52 -13.49
N TYR A 370 -23.34 -20.77 -13.24
CA TYR A 370 -22.05 -21.09 -13.87
C TYR A 370 -21.51 -22.47 -13.48
N SER A 371 -21.27 -23.34 -14.46
CA SER A 371 -20.65 -24.64 -14.23
C SER A 371 -19.17 -24.55 -13.77
N GLN A 372 -18.82 -25.27 -12.72
CA GLN A 372 -17.43 -25.37 -12.23
C GLN A 372 -16.67 -24.04 -12.27
N ILE A 373 -17.34 -22.97 -11.83
CA ILE A 373 -16.87 -21.62 -12.14
C ILE A 373 -15.42 -21.30 -11.74
N GLU A 374 -15.04 -21.55 -10.50
CA GLU A 374 -13.72 -21.11 -10.06
C GLU A 374 -12.64 -22.05 -10.57
N LEU A 375 -13.05 -23.24 -11.00
CA LEU A 375 -12.07 -24.15 -11.62
C LEU A 375 -11.73 -23.63 -12.99
N ARG A 376 -12.73 -23.13 -13.71
CA ARG A 376 -12.50 -22.54 -15.02
C ARG A 376 -11.66 -21.29 -14.91
N VAL A 377 -12.02 -20.42 -13.97
CA VAL A 377 -11.24 -19.23 -13.73
C VAL A 377 -9.78 -19.58 -13.37
N LEU A 378 -9.59 -20.60 -12.55
CA LEU A 378 -8.25 -20.98 -12.13
C LEU A 378 -7.47 -21.53 -13.32
N ALA A 379 -8.17 -22.21 -14.21
CA ALA A 379 -7.47 -22.83 -15.36
C ALA A 379 -6.93 -21.72 -16.25
N HIS A 380 -7.75 -20.69 -16.46
CA HIS A 380 -7.36 -19.49 -17.19
C HIS A 380 -6.17 -18.80 -16.56
N ILE A 381 -6.28 -18.47 -15.28
CA ILE A 381 -5.26 -17.69 -14.62
C ILE A 381 -3.93 -18.43 -14.43
N ALA A 382 -4.01 -19.71 -14.12
CA ALA A 382 -2.83 -20.53 -13.95
C ALA A 382 -2.30 -21.05 -15.29
N GLU A 383 -3.15 -21.03 -16.32
CA GLU A 383 -2.81 -21.56 -17.63
C GLU A 383 -2.31 -23.00 -17.51
N ASP A 384 -2.97 -23.76 -16.66
CA ASP A 384 -2.71 -25.17 -16.48
C ASP A 384 -3.21 -25.95 -17.70
N ASP A 385 -2.28 -26.53 -18.46
CA ASP A 385 -2.65 -27.25 -19.69
C ASP A 385 -3.71 -28.32 -19.52
N ASN A 386 -3.55 -29.15 -18.49
CA ASN A 386 -4.44 -30.27 -18.28
C ASN A 386 -5.84 -29.82 -17.88
N LEU A 387 -5.90 -28.82 -17.02
CA LEU A 387 -7.18 -28.30 -16.57
C LEU A 387 -7.86 -27.58 -17.72
N MET A 388 -7.08 -26.78 -18.45
CA MET A 388 -7.62 -26.11 -19.61
C MET A 388 -8.12 -27.19 -20.59
N GLU A 389 -7.35 -28.28 -20.74
CA GLU A 389 -7.71 -29.33 -21.69
C GLU A 389 -8.99 -30.02 -21.23
N ALA A 390 -9.13 -30.21 -19.92
CA ALA A 390 -10.35 -30.80 -19.38
C ALA A 390 -11.58 -29.98 -19.73
N PHE A 391 -11.47 -28.65 -19.72
CA PHE A 391 -12.63 -27.83 -20.04
C PHE A 391 -12.87 -27.68 -21.53
N ARG A 392 -11.83 -27.84 -22.34
CA ARG A 392 -12.02 -27.86 -23.78
C ARG A 392 -12.75 -29.15 -24.20
N ARG A 393 -12.61 -30.22 -23.42
CA ARG A 393 -13.38 -31.44 -23.66
C ARG A 393 -14.73 -31.49 -22.92
N ASP A 394 -15.07 -30.43 -22.17
CA ASP A 394 -16.34 -30.37 -21.46
C ASP A 394 -16.47 -31.52 -20.45
N LEU A 395 -15.37 -31.81 -19.77
CA LEU A 395 -15.39 -32.77 -18.68
C LEU A 395 -16.00 -32.13 -17.44
N ASP A 396 -16.36 -32.97 -16.47
CA ASP A 396 -16.81 -32.46 -15.18
C ASP A 396 -15.84 -32.92 -14.11
N ILE A 397 -15.00 -31.99 -13.67
CA ILE A 397 -13.95 -32.29 -12.73
C ILE A 397 -14.55 -32.68 -11.36
N HIS A 398 -15.75 -32.21 -11.06
CA HIS A 398 -16.38 -32.59 -9.79
C HIS A 398 -16.81 -34.05 -9.84
N THR A 399 -17.44 -34.42 -10.94
CA THR A 399 -17.88 -35.80 -11.13
C THR A 399 -16.66 -36.74 -11.18
N LYS A 400 -15.60 -36.33 -11.86
CA LYS A 400 -14.38 -37.15 -11.96
C LYS A 400 -13.74 -37.37 -10.63
N THR A 401 -13.65 -36.33 -9.80
CA THR A 401 -13.09 -36.49 -8.48
C THR A 401 -13.98 -37.42 -7.65
N ALA A 402 -15.29 -37.38 -7.87
CA ALA A 402 -16.21 -38.26 -7.14
C ALA A 402 -15.91 -39.72 -7.50
N MET A 403 -15.85 -40.00 -8.79
CA MET A 403 -15.53 -41.34 -9.27
C MET A 403 -14.27 -41.87 -8.59
N ASP A 404 -13.27 -41.01 -8.53
CA ASP A 404 -11.96 -41.35 -8.00
C ASP A 404 -12.02 -41.64 -6.50
N ILE A 405 -12.75 -40.82 -5.75
CA ILE A 405 -12.79 -40.96 -4.31
C ILE A 405 -13.67 -42.13 -3.88
N PHE A 406 -14.82 -42.24 -4.54
CA PHE A 406 -15.79 -43.27 -4.19
C PHE A 406 -15.64 -44.47 -5.13
N GLN A 407 -14.55 -44.51 -5.89
CA GLN A 407 -14.23 -45.65 -6.73
C GLN A 407 -15.52 -46.22 -7.33
N VAL A 408 -16.28 -45.33 -7.97
CA VAL A 408 -17.48 -45.72 -8.71
C VAL A 408 -17.41 -45.18 -10.13
N SER A 409 -18.30 -45.67 -10.99
CA SER A 409 -18.33 -45.25 -12.39
C SER A 409 -19.07 -43.91 -12.52
N GLU A 410 -18.88 -43.21 -13.64
CA GLU A 410 -19.57 -41.93 -13.85
C GLU A 410 -21.08 -42.05 -13.60
N ASP A 411 -21.69 -43.09 -14.16
CA ASP A 411 -23.13 -43.29 -14.04
C ASP A 411 -23.58 -43.46 -12.60
N GLU A 412 -22.68 -43.96 -11.75
CA GLU A 412 -23.00 -44.26 -10.36
C GLU A 412 -22.77 -43.08 -9.41
N VAL A 413 -22.25 -41.97 -9.92
CA VAL A 413 -22.01 -40.78 -9.09
C VAL A 413 -23.32 -40.04 -8.82
N THR A 414 -23.76 -40.08 -7.56
CA THR A 414 -24.96 -39.35 -7.16
C THR A 414 -24.69 -37.85 -7.02
N PRO A 415 -25.75 -37.04 -7.09
CA PRO A 415 -25.60 -35.59 -6.96
C PRO A 415 -24.93 -35.23 -5.64
N ASN A 416 -25.04 -36.14 -4.67
CA ASN A 416 -24.50 -35.92 -3.34
C ASN A 416 -23.00 -36.22 -3.27
N MET A 417 -22.57 -37.26 -3.97
CA MET A 417 -21.16 -37.58 -4.03
C MET A 417 -20.45 -36.47 -4.81
N ARG A 418 -21.13 -35.92 -5.80
CA ARG A 418 -20.54 -34.85 -6.60
C ARG A 418 -20.33 -33.60 -5.73
N ARG A 419 -21.28 -33.32 -4.84
CA ARG A 419 -21.21 -32.17 -3.92
C ARG A 419 -20.02 -32.34 -2.97
N GLN A 420 -19.85 -33.56 -2.47
CA GLN A 420 -18.72 -33.87 -1.63
C GLN A 420 -17.41 -33.73 -2.40
N ALA A 421 -17.40 -34.16 -3.66
CA ALA A 421 -16.18 -34.05 -4.48
C ALA A 421 -15.87 -32.60 -4.82
N LYS A 422 -16.91 -31.80 -5.00
CA LYS A 422 -16.75 -30.36 -5.29
C LYS A 422 -16.00 -29.70 -4.14
N ALA A 423 -16.38 -30.03 -2.91
CA ALA A 423 -15.65 -29.54 -1.72
C ALA A 423 -14.21 -29.99 -1.72
N VAL A 424 -13.95 -31.23 -2.14
CA VAL A 424 -12.58 -31.74 -2.18
C VAL A 424 -11.77 -30.97 -3.23
N ASN A 425 -12.36 -30.75 -4.39
CA ASN A 425 -11.64 -30.02 -5.45
C ASN A 425 -11.25 -28.61 -5.00
N TYR A 426 -12.23 -27.85 -4.49
CA TYR A 426 -11.94 -26.48 -4.04
C TYR A 426 -11.03 -26.49 -2.83
N GLY A 427 -11.20 -27.45 -1.93
CA GLY A 427 -10.36 -27.50 -0.76
C GLY A 427 -8.92 -27.67 -1.18
N ILE A 428 -8.69 -28.56 -2.14
CA ILE A 428 -7.31 -28.88 -2.48
C ILE A 428 -6.62 -27.69 -3.14
N VAL A 429 -7.24 -27.09 -4.15
CA VAL A 429 -6.63 -25.97 -4.87
C VAL A 429 -6.41 -24.77 -3.98
N TYR A 430 -7.22 -24.65 -2.94
CA TYR A 430 -7.13 -23.52 -2.02
C TYR A 430 -6.35 -23.84 -0.72
N GLY A 431 -5.60 -24.93 -0.72
CA GLY A 431 -4.64 -25.18 0.34
C GLY A 431 -5.00 -26.06 1.53
N ILE A 432 -5.96 -26.96 1.38
CA ILE A 432 -6.33 -27.82 2.50
C ILE A 432 -5.10 -28.66 2.83
N SER A 433 -4.93 -28.98 4.12
CA SER A 433 -3.79 -29.78 4.59
C SER A 433 -4.18 -31.24 4.47
N ASP A 434 -3.18 -32.10 4.67
CA ASP A 434 -3.44 -33.55 4.67
C ASP A 434 -4.35 -33.91 5.86
N TYR A 435 -4.12 -33.26 6.99
CA TYR A 435 -4.97 -33.40 8.15
C TYR A 435 -6.42 -33.08 7.84
N GLY A 436 -6.64 -31.91 7.25
CA GLY A 436 -7.99 -31.50 6.93
C GLY A 436 -8.69 -32.41 5.94
N LEU A 437 -7.97 -32.91 4.95
CA LEU A 437 -8.61 -33.74 3.94
C LEU A 437 -8.92 -35.09 4.55
N ALA A 438 -7.99 -35.60 5.34
CA ALA A 438 -8.16 -36.88 6.03
C ALA A 438 -9.39 -36.88 6.94
N GLN A 439 -9.59 -35.80 7.67
CA GLN A 439 -10.75 -35.67 8.55
C GLN A 439 -12.02 -35.60 7.73
N ASN A 440 -11.96 -34.91 6.59
CA ASN A 440 -13.13 -34.82 5.72
C ASN A 440 -13.50 -36.16 5.08
N LEU A 441 -12.51 -36.90 4.59
CA LEU A 441 -12.78 -38.16 3.89
C LEU A 441 -12.63 -39.41 4.76
N ASN A 442 -12.32 -39.24 6.04
CA ASN A 442 -12.06 -40.37 6.93
C ASN A 442 -11.04 -41.38 6.36
N ILE A 443 -9.97 -40.86 5.78
CA ILE A 443 -8.85 -41.69 5.35
C ILE A 443 -7.66 -41.33 6.21
N SER A 444 -6.62 -42.14 6.17
CA SER A 444 -5.45 -41.86 6.96
C SER A 444 -4.81 -40.61 6.39
N ARG A 445 -3.94 -40.00 7.17
CA ARG A 445 -3.32 -38.76 6.75
C ARG A 445 -2.36 -39.02 5.61
N LYS A 446 -1.64 -40.14 5.68
CA LYS A 446 -0.68 -40.45 4.63
C LYS A 446 -1.43 -40.56 3.32
N GLU A 447 -2.59 -41.21 3.35
CA GLU A 447 -3.41 -41.39 2.17
C GLU A 447 -3.94 -40.05 1.66
N ALA A 448 -4.34 -39.19 2.59
CA ALA A 448 -4.75 -37.85 2.20
C ALA A 448 -3.58 -37.14 1.54
N ALA A 449 -2.42 -37.13 2.20
CA ALA A 449 -1.22 -36.50 1.63
C ALA A 449 -0.93 -37.04 0.24
N GLU A 450 -1.11 -38.34 0.03
CA GLU A 450 -0.82 -38.93 -1.27
C GLU A 450 -1.86 -38.53 -2.29
N PHE A 451 -3.09 -38.31 -1.83
CA PHE A 451 -4.14 -37.91 -2.75
C PHE A 451 -3.83 -36.50 -3.27
N ILE A 452 -3.37 -35.62 -2.37
CA ILE A 452 -3.07 -34.25 -2.77
C ILE A 452 -1.85 -34.21 -3.68
N GLU A 453 -0.83 -34.98 -3.33
CA GLU A 453 0.34 -35.17 -4.18
C GLU A 453 -0.09 -35.54 -5.60
N ARG A 454 -0.94 -36.55 -5.73
CA ARG A 454 -1.40 -36.99 -7.05
C ARG A 454 -2.17 -35.88 -7.74
N TYR A 455 -2.94 -35.13 -6.96
CA TYR A 455 -3.80 -34.10 -7.54
C TYR A 455 -2.94 -33.01 -8.20
N PHE A 456 -1.87 -32.59 -7.55
CA PHE A 456 -1.05 -31.54 -8.10
C PHE A 456 -0.10 -32.05 -9.19
N GLU A 457 0.08 -33.36 -9.24
CA GLU A 457 0.78 -33.99 -10.35
C GLU A 457 -0.08 -33.99 -11.60
N SER A 458 -1.39 -34.16 -11.42
CA SER A 458 -2.31 -34.05 -12.55
C SER A 458 -2.44 -32.58 -13.01
N PHE A 459 -2.28 -31.63 -12.08
CA PHE A 459 -2.44 -30.22 -12.40
C PHE A 459 -1.24 -29.41 -11.93
N PRO A 460 -0.09 -29.63 -12.58
CA PRO A 460 1.17 -28.99 -12.17
C PRO A 460 1.18 -27.48 -12.35
N GLY A 461 0.45 -26.96 -13.32
CA GLY A 461 0.39 -25.51 -13.54
C GLY A 461 -0.28 -24.80 -12.39
N VAL A 462 -1.31 -25.45 -11.84
CA VAL A 462 -2.02 -24.95 -10.66
C VAL A 462 -1.07 -24.91 -9.48
N LYS A 463 -0.27 -25.96 -9.31
CA LYS A 463 0.65 -26.01 -8.19
C LYS A 463 1.65 -24.86 -8.30
N ARG A 464 2.16 -24.66 -9.50
CA ARG A 464 3.16 -23.62 -9.73
C ARG A 464 2.51 -22.27 -9.49
N TYR A 465 1.30 -22.11 -10.02
CA TYR A 465 0.57 -20.87 -9.87
C TYR A 465 0.35 -20.54 -8.41
N MET A 466 -0.01 -21.54 -7.61
CA MET A 466 -0.20 -21.29 -6.19
C MET A 466 1.10 -20.92 -5.47
N GLU A 467 2.22 -21.52 -5.88
CA GLU A 467 3.49 -21.19 -5.25
C GLU A 467 3.86 -19.76 -5.59
N ASN A 468 3.71 -19.44 -6.86
CA ASN A 468 4.07 -18.13 -7.37
C ASN A 468 3.19 -16.98 -6.85
N ILE A 469 1.90 -17.21 -6.65
CA ILE A 469 1.04 -16.09 -6.24
C ILE A 469 1.33 -15.75 -4.78
N VAL A 470 1.72 -16.75 -4.02
CA VAL A 470 2.13 -16.51 -2.63
C VAL A 470 3.39 -15.63 -2.62
N GLN A 471 4.35 -15.93 -3.50
CA GLN A 471 5.61 -15.18 -3.48
C GLN A 471 5.34 -13.75 -3.91
N GLU A 472 4.55 -13.61 -4.97
CA GLU A 472 4.16 -12.29 -5.47
C GLU A 472 3.49 -11.45 -4.38
N ALA A 473 2.59 -12.08 -3.64
CA ALA A 473 1.95 -11.39 -2.56
C ALA A 473 2.92 -10.92 -1.50
N LYS A 474 3.96 -11.71 -1.22
CA LYS A 474 4.91 -11.34 -0.19
C LYS A 474 5.74 -10.11 -0.64
N GLN A 475 5.95 -10.05 -1.95
CA GLN A 475 6.75 -8.97 -2.53
C GLN A 475 5.98 -7.66 -2.67
N LYS A 476 4.70 -7.73 -3.01
CA LYS A 476 3.90 -6.53 -3.27
C LYS A 476 3.01 -6.12 -2.11
N GLY A 477 2.56 -7.09 -1.33
CA GLY A 477 1.70 -6.81 -0.21
C GLY A 477 0.23 -6.84 -0.54
N TYR A 478 -0.11 -7.27 -1.76
CA TYR A 478 -1.49 -7.35 -2.22
C TYR A 478 -1.60 -8.30 -3.41
N VAL A 479 -2.81 -8.79 -3.68
CA VAL A 479 -3.14 -9.56 -4.88
C VAL A 479 -4.32 -8.90 -5.60
N THR A 480 -4.54 -9.26 -6.87
CA THR A 480 -5.48 -8.57 -7.74
C THR A 480 -6.28 -9.57 -8.54
N THR A 481 -7.40 -9.12 -9.07
CA THR A 481 -8.24 -9.97 -9.89
C THR A 481 -8.19 -9.58 -11.38
N LEU A 482 -8.92 -10.33 -12.18
CA LEU A 482 -9.00 -10.08 -13.61
C LEU A 482 -9.35 -8.63 -13.96
N LEU A 483 -10.35 -8.05 -13.29
CA LEU A 483 -10.71 -6.65 -13.54
C LEU A 483 -10.07 -5.66 -12.56
N HIS A 484 -8.94 -6.05 -11.96
CA HIS A 484 -8.11 -5.16 -11.14
C HIS A 484 -8.64 -4.83 -9.76
N ARG A 485 -9.53 -5.67 -9.25
CA ARG A 485 -9.87 -5.58 -7.85
C ARG A 485 -8.63 -5.91 -7.03
N ARG A 486 -8.53 -5.40 -5.80
CA ARG A 486 -7.33 -5.58 -5.00
C ARG A 486 -7.67 -6.03 -3.58
N ARG A 487 -6.81 -6.85 -2.98
CA ARG A 487 -6.86 -7.14 -1.55
C ARG A 487 -5.45 -7.08 -0.98
N TYR A 488 -5.24 -6.22 0.02
CA TYR A 488 -3.96 -6.14 0.71
C TYR A 488 -3.81 -7.24 1.75
N LEU A 489 -2.59 -7.74 1.88
CA LEU A 489 -2.33 -8.83 2.78
C LEU A 489 -1.08 -8.54 3.66
N PRO A 490 -1.19 -7.56 4.56
CA PRO A 490 -0.02 -7.10 5.31
C PRO A 490 0.53 -8.15 6.29
N ASP A 491 -0.24 -9.21 6.52
CA ASP A 491 0.14 -10.28 7.45
C ASP A 491 1.02 -11.34 6.80
N ILE A 492 1.20 -11.24 5.49
CA ILE A 492 1.77 -12.35 4.74
C ILE A 492 3.27 -12.62 5.02
N THR A 493 3.92 -11.69 5.69
CA THR A 493 5.30 -11.93 6.13
C THR A 493 5.43 -12.07 7.64
N SER A 494 4.32 -12.22 8.34
CA SER A 494 4.40 -12.39 9.78
C SER A 494 5.34 -13.53 10.18
N ARG A 495 6.06 -13.38 11.29
CA ARG A 495 6.89 -14.46 11.83
C ARG A 495 6.05 -15.58 12.45
N ASN A 496 4.80 -15.26 12.75
CA ASN A 496 3.92 -16.25 13.35
C ASN A 496 3.37 -17.17 12.28
N PHE A 497 3.58 -18.47 12.45
CA PHE A 497 3.19 -19.46 11.44
C PHE A 497 1.70 -19.40 11.10
N ASN A 498 0.86 -19.34 12.12
CA ASN A 498 -0.58 -19.33 11.93
C ASN A 498 -1.01 -18.09 11.15
N VAL A 499 -0.46 -16.93 11.54
CA VAL A 499 -0.88 -15.68 10.95
C VAL A 499 -0.45 -15.66 9.47
N ARG A 500 0.78 -16.03 9.23
CA ARG A 500 1.30 -16.05 7.89
C ARG A 500 0.60 -17.04 6.96
N SER A 501 0.32 -18.22 7.50
CA SER A 501 -0.34 -19.24 6.70
C SER A 501 -1.72 -18.81 6.25
N PHE A 502 -2.49 -18.18 7.14
CA PHE A 502 -3.80 -17.69 6.73
C PHE A 502 -3.74 -16.71 5.58
N ALA A 503 -2.81 -15.77 5.65
CA ALA A 503 -2.61 -14.78 4.59
C ALA A 503 -2.18 -15.45 3.30
N GLU A 504 -1.30 -16.44 3.41
CA GLU A 504 -0.89 -17.19 2.22
C GLU A 504 -2.08 -17.82 1.53
N ARG A 505 -2.98 -18.42 2.29
CA ARG A 505 -4.14 -19.01 1.67
C ARG A 505 -5.11 -17.98 1.08
N MET A 506 -5.16 -16.78 1.66
CA MET A 506 -5.92 -15.70 1.01
C MET A 506 -5.32 -15.35 -0.35
N ALA A 507 -3.99 -15.37 -0.44
CA ALA A 507 -3.36 -15.06 -1.70
C ALA A 507 -3.72 -16.11 -2.73
N MET A 508 -3.87 -17.35 -2.29
CA MET A 508 -4.25 -18.44 -3.20
C MET A 508 -5.70 -18.34 -3.67
N ASN A 509 -6.58 -17.95 -2.75
CA ASN A 509 -8.00 -17.97 -3.06
C ASN A 509 -8.55 -16.67 -3.65
N THR A 510 -8.13 -15.53 -3.11
CA THR A 510 -8.82 -14.26 -3.45
C THR A 510 -8.80 -13.96 -4.94
N PRO A 511 -7.66 -14.12 -5.59
CA PRO A 511 -7.69 -13.82 -7.02
C PRO A 511 -8.70 -14.64 -7.82
N ILE A 512 -8.99 -15.87 -7.39
CA ILE A 512 -9.85 -16.75 -8.15
C ILE A 512 -11.35 -16.48 -7.83
N GLN A 513 -11.67 -16.45 -6.53
CA GLN A 513 -13.02 -16.11 -6.08
C GLN A 513 -13.39 -14.69 -6.53
N GLY A 514 -12.45 -13.76 -6.41
CA GLY A 514 -12.71 -12.37 -6.75
C GLY A 514 -12.84 -12.24 -8.26
N SER A 515 -12.06 -13.01 -9.03
CA SER A 515 -12.21 -12.91 -10.48
C SER A 515 -13.57 -13.48 -10.90
N ALA A 516 -14.02 -14.54 -10.25
CA ALA A 516 -15.36 -15.05 -10.55
C ALA A 516 -16.46 -14.06 -10.18
N ALA A 517 -16.22 -13.26 -9.15
CA ALA A 517 -17.17 -12.22 -8.75
C ALA A 517 -17.26 -11.11 -9.82
N ASP A 518 -16.08 -10.74 -10.34
CA ASP A 518 -15.99 -9.78 -11.43
C ASP A 518 -16.81 -10.26 -12.65
N ILE A 519 -16.68 -11.54 -13.00
CA ILE A 519 -17.38 -12.11 -14.16
C ILE A 519 -18.90 -12.04 -13.99
N ILE A 520 -19.44 -12.51 -12.86
CA ILE A 520 -20.90 -12.50 -12.72
C ILE A 520 -21.48 -11.11 -12.63
N LYS A 521 -20.72 -10.21 -12.03
CA LYS A 521 -21.09 -8.81 -12.01
C LYS A 521 -21.22 -8.25 -13.45
N LYS A 522 -20.24 -8.51 -14.30
CA LYS A 522 -20.32 -8.04 -15.68
C LYS A 522 -21.47 -8.70 -16.45
N ALA A 523 -21.69 -9.97 -16.18
CA ALA A 523 -22.84 -10.68 -16.74
C ALA A 523 -24.19 -10.04 -16.36
N MET A 524 -24.34 -9.57 -15.11
CA MET A 524 -25.56 -8.91 -14.71
C MET A 524 -25.78 -7.62 -15.49
N ILE A 525 -24.72 -6.83 -15.67
CA ILE A 525 -24.82 -5.59 -16.44
C ILE A 525 -25.20 -5.88 -17.91
N ASP A 526 -24.49 -6.82 -18.55
CA ASP A 526 -24.81 -7.15 -19.94
C ASP A 526 -26.23 -7.66 -20.09
N LEU A 527 -26.63 -8.54 -19.15
CA LEU A 527 -27.94 -9.17 -19.20
C LEU A 527 -29.05 -8.14 -19.06
N ASN A 528 -28.94 -7.29 -18.04
CA ASN A 528 -29.91 -6.24 -17.80
C ASN A 528 -30.09 -5.39 -19.05
N ALA A 529 -29.01 -5.14 -19.77
CA ALA A 529 -29.10 -4.29 -20.98
C ALA A 529 -29.78 -5.03 -22.14
N ARG A 530 -29.52 -6.33 -22.27
CA ARG A 530 -30.18 -7.14 -23.29
C ARG A 530 -31.67 -7.34 -23.04
N LEU A 531 -32.06 -7.48 -21.78
CA LEU A 531 -33.46 -7.58 -21.41
C LEU A 531 -34.22 -6.29 -21.76
N LYS A 532 -33.64 -5.17 -21.38
CA LYS A 532 -34.32 -3.88 -21.52
C LYS A 532 -34.44 -3.50 -22.99
N GLU A 533 -33.46 -3.90 -23.80
CA GLU A 533 -33.47 -3.54 -25.21
C GLU A 533 -34.42 -4.40 -26.03
N GLU A 534 -34.69 -5.62 -25.55
CA GLU A 534 -35.69 -6.47 -26.21
C GLU A 534 -37.06 -6.28 -25.57
N ARG A 535 -37.13 -5.30 -24.67
CA ARG A 535 -38.33 -4.95 -23.91
C ARG A 535 -39.05 -6.19 -23.36
N LEU A 536 -38.25 -7.11 -22.83
CA LEU A 536 -38.78 -8.28 -22.15
C LEU A 536 -39.25 -7.83 -20.77
N GLN A 537 -40.29 -8.49 -20.26
CA GLN A 537 -40.76 -8.20 -18.91
C GLN A 537 -39.90 -8.94 -17.88
N ALA A 538 -39.16 -9.94 -18.34
CA ALA A 538 -38.23 -10.68 -17.47
C ALA A 538 -37.29 -9.72 -16.72
N HIS A 539 -37.07 -9.99 -15.44
CA HIS A 539 -36.16 -9.16 -14.66
C HIS A 539 -35.47 -10.02 -13.61
N LEU A 540 -34.28 -9.57 -13.21
CA LEU A 540 -33.51 -10.21 -12.16
C LEU A 540 -34.15 -10.07 -10.79
N LEU A 541 -34.13 -11.17 -10.05
CA LEU A 541 -34.58 -11.19 -8.65
C LEU A 541 -33.39 -11.30 -7.72
N LEU A 542 -32.48 -12.25 -7.99
CA LEU A 542 -31.40 -12.54 -7.06
C LEU A 542 -30.11 -12.87 -7.79
N GLN A 543 -28.99 -12.59 -7.12
CA GLN A 543 -27.70 -13.15 -7.49
C GLN A 543 -27.25 -14.06 -6.35
N VAL A 544 -26.74 -15.24 -6.65
CA VAL A 544 -26.29 -16.14 -5.60
C VAL A 544 -24.87 -16.57 -5.92
N HIS A 545 -24.00 -15.56 -5.97
CA HIS A 545 -22.54 -15.70 -6.16
C HIS A 545 -22.12 -16.14 -7.56
N ASP A 546 -22.65 -17.25 -8.03
CA ASP A 546 -22.36 -17.60 -9.40
C ASP A 546 -23.63 -18.04 -10.10
N GLU A 547 -24.79 -17.66 -9.54
CA GLU A 547 -26.11 -17.92 -10.13
C GLU A 547 -26.91 -16.64 -10.24
N LEU A 548 -27.74 -16.58 -11.27
CA LEU A 548 -28.68 -15.50 -11.45
C LEU A 548 -30.09 -16.12 -11.46
N ILE A 549 -31.01 -15.50 -10.71
CA ILE A 549 -32.41 -15.93 -10.61
C ILE A 549 -33.29 -14.82 -11.16
N LEU A 550 -34.14 -15.16 -12.13
CA LEU A 550 -35.09 -14.20 -12.69
C LEU A 550 -36.55 -14.68 -12.56
N GLU A 551 -37.48 -13.80 -12.84
CA GLU A 551 -38.86 -14.21 -13.11
C GLU A 551 -39.32 -13.56 -14.40
N ALA A 552 -40.23 -14.22 -15.11
CA ALA A 552 -40.71 -13.71 -16.40
C ALA A 552 -42.05 -14.36 -16.73
N PRO A 553 -42.86 -13.69 -17.57
CA PRO A 553 -44.05 -14.38 -18.10
C PRO A 553 -43.66 -15.72 -18.72
N LYS A 554 -44.53 -16.72 -18.63
CA LYS A 554 -44.19 -18.03 -19.17
C LYS A 554 -43.84 -17.96 -20.67
N GLU A 555 -44.38 -16.97 -21.37
CA GLU A 555 -44.18 -16.88 -22.82
C GLU A 555 -42.73 -16.47 -23.18
N GLU A 556 -42.02 -15.89 -22.20
CA GLU A 556 -40.62 -15.49 -22.40
C GLU A 556 -39.59 -16.59 -22.10
N MET A 557 -40.04 -17.73 -21.58
CA MET A 557 -39.10 -18.79 -21.23
C MET A 557 -38.18 -19.21 -22.39
N GLU A 558 -38.76 -19.38 -23.57
CA GLU A 558 -37.97 -19.84 -24.72
C GLU A 558 -36.86 -18.85 -25.06
N ARG A 559 -37.19 -17.57 -25.04
CA ARG A 559 -36.19 -16.53 -25.28
C ARG A 559 -35.10 -16.59 -24.20
N LEU A 560 -35.49 -16.62 -22.93
CA LEU A 560 -34.50 -16.65 -21.84
C LEU A 560 -33.61 -17.88 -21.92
N CYS A 561 -34.18 -18.99 -22.36
CA CYS A 561 -33.42 -20.23 -22.47
C CYS A 561 -32.22 -20.06 -23.38
N ARG A 562 -32.31 -19.11 -24.29
CA ARG A 562 -31.19 -18.83 -25.18
C ARG A 562 -30.39 -17.62 -24.68
N LEU A 563 -31.11 -16.57 -24.32
CA LEU A 563 -30.48 -15.31 -24.02
C LEU A 563 -29.60 -15.41 -22.77
N VAL A 564 -30.13 -15.98 -21.69
CA VAL A 564 -29.47 -15.88 -20.40
C VAL A 564 -28.13 -16.64 -20.36
N PRO A 565 -28.11 -17.90 -20.80
CA PRO A 565 -26.86 -18.68 -20.81
C PRO A 565 -25.82 -18.03 -21.72
N GLU A 566 -26.29 -17.42 -22.80
CA GLU A 566 -25.39 -16.88 -23.82
C GLU A 566 -24.75 -15.61 -23.33
N VAL A 567 -25.55 -14.71 -22.78
CA VAL A 567 -25.00 -13.52 -22.16
C VAL A 567 -24.05 -13.88 -21.02
N MET A 568 -24.43 -14.81 -20.17
CA MET A 568 -23.56 -15.18 -19.05
C MET A 568 -22.26 -15.83 -19.52
N GLU A 569 -22.35 -16.65 -20.55
CA GLU A 569 -21.18 -17.36 -21.04
C GLU A 569 -20.21 -16.44 -21.79
N GLN A 570 -20.73 -15.31 -22.28
CA GLN A 570 -19.93 -14.40 -23.09
C GLN A 570 -19.46 -13.16 -22.32
N ALA A 571 -19.83 -13.07 -21.05
CA ALA A 571 -19.50 -11.89 -20.24
C ALA A 571 -18.02 -11.53 -20.30
N VAL A 572 -17.17 -12.55 -20.15
CA VAL A 572 -15.75 -12.39 -20.39
C VAL A 572 -15.29 -13.52 -21.28
N THR A 573 -14.20 -13.29 -22.00
CA THR A 573 -13.62 -14.31 -22.81
C THR A 573 -12.36 -14.79 -22.12
N LEU A 574 -12.34 -16.08 -21.83
CA LEU A 574 -11.21 -16.71 -21.17
C LEU A 574 -10.54 -17.73 -22.12
N ARG A 575 -9.41 -18.29 -21.68
CA ARG A 575 -8.69 -19.33 -22.41
C ARG A 575 -9.41 -20.66 -22.34
N VAL A 576 -10.45 -20.74 -21.51
CA VAL A 576 -11.32 -21.92 -21.47
C VAL A 576 -12.76 -21.46 -21.68
N PRO A 577 -13.62 -22.39 -22.13
CA PRO A 577 -15.02 -21.99 -22.27
C PRO A 577 -15.67 -21.77 -20.89
N LEU A 578 -16.63 -20.86 -20.81
CA LEU A 578 -17.57 -20.79 -19.69
C LEU A 578 -18.84 -21.51 -20.09
N LYS A 579 -19.46 -22.19 -19.14
CA LYS A 579 -20.66 -22.96 -19.41
C LYS A 579 -21.67 -22.75 -18.29
N VAL A 580 -22.93 -22.64 -18.68
CA VAL A 580 -24.00 -22.27 -17.76
C VAL A 580 -25.12 -23.30 -17.78
N ASP A 581 -25.46 -23.82 -16.61
CA ASP A 581 -26.59 -24.73 -16.44
C ASP A 581 -27.82 -23.88 -16.14
N TYR A 582 -28.99 -24.26 -16.63
CA TYR A 582 -30.19 -23.45 -16.44
C TYR A 582 -31.48 -24.27 -16.44
N HIS A 583 -32.49 -23.72 -15.78
CA HIS A 583 -33.77 -24.39 -15.56
C HIS A 583 -34.80 -23.36 -15.20
N TYR A 584 -36.07 -23.75 -15.31
CA TYR A 584 -37.16 -22.88 -14.94
C TYR A 584 -38.32 -23.71 -14.42
N GLY A 585 -39.24 -23.06 -13.72
CA GLY A 585 -40.34 -23.76 -13.06
C GLY A 585 -41.26 -22.83 -12.30
N SER A 586 -42.29 -23.42 -11.70
CA SER A 586 -43.35 -22.67 -11.08
C SER A 586 -42.96 -21.99 -9.78
N THR A 587 -41.97 -22.57 -9.10
CA THR A 587 -41.42 -21.99 -7.89
C THR A 587 -39.90 -22.09 -7.99
N TRP A 588 -39.19 -21.48 -7.06
CA TRP A 588 -37.73 -21.64 -7.05
C TRP A 588 -37.32 -23.12 -6.90
N TYR A 589 -38.09 -23.89 -6.15
CA TYR A 589 -37.80 -25.31 -5.96
C TYR A 589 -37.76 -26.03 -7.30
N ASP A 590 -38.75 -25.73 -8.12
CA ASP A 590 -38.97 -26.43 -9.38
C ASP A 590 -38.00 -25.99 -10.46
N ALA A 591 -37.30 -24.88 -10.24
CA ALA A 591 -36.36 -24.39 -11.24
C ALA A 591 -35.06 -25.16 -11.14
N LYS A 592 -35.15 -26.48 -11.33
CA LYS A 592 -34.03 -27.41 -11.17
C LYS A 592 -34.00 -28.38 -12.35
N LEU B 12 15.29 23.16 -33.09
CA LEU B 12 13.87 22.81 -33.14
C LEU B 12 13.07 23.82 -33.96
N ALA B 13 11.79 23.53 -34.16
CA ALA B 13 10.93 24.36 -34.97
C ALA B 13 10.03 25.15 -34.05
N LYS B 14 8.76 25.22 -34.39
CA LYS B 14 7.89 26.12 -33.71
C LYS B 14 7.19 25.35 -32.61
N MET B 15 7.12 25.99 -31.45
CA MET B 15 6.14 25.63 -30.44
C MET B 15 5.48 26.92 -30.06
N ALA B 16 4.17 26.96 -30.22
CA ALA B 16 3.42 28.16 -29.92
C ALA B 16 3.28 28.40 -28.42
N PHE B 17 3.39 29.65 -28.01
CA PHE B 17 3.14 30.00 -26.63
C PHE B 17 2.94 31.50 -26.54
N THR B 18 2.35 31.90 -25.43
CA THR B 18 2.07 33.29 -25.12
C THR B 18 3.17 33.83 -24.20
N LEU B 19 3.80 34.91 -24.62
CA LEU B 19 4.74 35.64 -23.78
C LEU B 19 3.86 36.62 -23.02
N ALA B 20 3.51 36.27 -21.79
CA ALA B 20 2.43 36.97 -21.11
C ALA B 20 2.90 38.22 -20.40
N ASP B 21 2.08 39.26 -20.47
CA ASP B 21 2.43 40.48 -19.77
C ASP B 21 1.65 40.60 -18.47
N ARG B 22 0.69 39.71 -18.27
CA ARG B 22 -0.05 39.66 -17.01
C ARG B 22 -0.62 38.25 -16.80
N VAL B 23 -1.05 37.99 -15.58
CA VAL B 23 -1.64 36.70 -15.25
C VAL B 23 -3.13 36.69 -15.59
N THR B 24 -3.56 35.67 -16.34
CA THR B 24 -4.97 35.52 -16.67
C THR B 24 -5.53 34.23 -16.07
N GLU B 25 -6.83 34.15 -15.97
CA GLU B 25 -7.46 33.04 -15.26
C GLU B 25 -7.16 31.69 -15.91
N GLU B 26 -6.94 31.69 -17.23
CA GLU B 26 -6.71 30.44 -17.93
C GLU B 26 -5.35 29.85 -17.64
N MET B 27 -4.47 30.67 -17.08
CA MET B 27 -3.16 30.21 -16.60
C MET B 27 -3.26 29.54 -15.26
N LEU B 28 -4.42 29.59 -14.61
CA LEU B 28 -4.58 29.12 -13.23
C LEU B 28 -5.50 27.90 -13.17
N ALA B 29 -5.18 26.92 -14.00
CA ALA B 29 -6.03 25.72 -14.14
C ALA B 29 -5.83 24.74 -13.01
N ASP B 30 -6.72 23.76 -12.90
CA ASP B 30 -6.56 22.83 -11.79
CA ASP B 30 -6.69 22.70 -11.88
C ASP B 30 -5.53 21.73 -12.05
N LYS B 31 -4.96 21.68 -13.25
CA LYS B 31 -3.82 20.83 -13.50
C LYS B 31 -2.93 21.54 -14.52
N ALA B 32 -1.64 21.57 -14.23
CA ALA B 32 -0.68 22.21 -15.12
C ALA B 32 0.72 21.62 -14.97
N ALA B 33 1.50 21.70 -16.02
CA ALA B 33 2.94 21.59 -15.88
C ALA B 33 3.49 22.96 -15.55
N LEU B 34 4.37 23.00 -14.56
CA LEU B 34 4.91 24.26 -14.07
C LEU B 34 6.43 24.20 -14.04
N VAL B 35 7.05 25.23 -14.57
CA VAL B 35 8.50 25.45 -14.50
C VAL B 35 8.78 26.76 -13.79
N VAL B 36 9.56 26.67 -12.71
CA VAL B 36 10.01 27.85 -11.97
C VAL B 36 11.51 27.78 -12.01
N GLU B 37 12.13 28.54 -12.91
CA GLU B 37 13.50 28.25 -13.29
C GLU B 37 14.53 28.92 -12.42
N VAL B 38 15.39 28.10 -11.80
CA VAL B 38 16.53 28.57 -11.00
C VAL B 38 17.80 27.96 -11.59
N VAL B 39 18.65 28.79 -12.18
CA VAL B 39 19.79 28.33 -12.95
C VAL B 39 21.03 28.10 -12.06
N GLU B 40 21.16 28.86 -11.00
CA GLU B 40 22.28 28.62 -10.09
C GLU B 40 22.20 27.19 -9.55
N GLU B 41 23.35 26.52 -9.42
CA GLU B 41 23.37 25.15 -8.96
C GLU B 41 22.82 25.07 -7.55
N ASN B 42 23.31 25.98 -6.72
CA ASN B 42 22.81 26.10 -5.35
C ASN B 42 21.63 27.03 -5.37
N TYR B 43 20.44 26.49 -5.21
CA TYR B 43 19.21 27.25 -5.30
C TYR B 43 18.81 28.07 -4.08
N HIS B 44 19.64 28.03 -3.03
CA HIS B 44 19.28 28.78 -1.85
C HIS B 44 19.51 30.28 -2.08
N ASP B 45 18.43 31.02 -1.86
CA ASP B 45 18.38 32.47 -2.07
C ASP B 45 18.93 32.84 -3.44
N ALA B 46 18.49 32.12 -4.47
CA ALA B 46 18.97 32.26 -5.82
C ALA B 46 17.84 32.85 -6.64
N PRO B 47 18.21 33.57 -7.70
CA PRO B 47 17.18 34.19 -8.53
C PRO B 47 16.30 33.17 -9.24
N ILE B 48 15.03 33.51 -9.39
CA ILE B 48 14.12 32.80 -10.27
C ILE B 48 14.13 33.61 -11.55
N VAL B 49 14.48 32.99 -12.66
CA VAL B 49 14.71 33.73 -13.91
C VAL B 49 13.56 33.75 -14.89
N GLY B 50 12.59 32.87 -14.69
CA GLY B 50 11.44 32.78 -15.57
C GLY B 50 10.53 31.69 -15.11
N ILE B 51 9.27 31.78 -15.54
CA ILE B 51 8.25 30.79 -15.22
C ILE B 51 7.56 30.36 -16.52
N ALA B 52 7.23 29.08 -16.62
CA ALA B 52 6.36 28.59 -17.69
C ALA B 52 5.24 27.75 -17.11
N VAL B 53 4.07 27.85 -17.74
CA VAL B 53 2.88 27.08 -17.39
C VAL B 53 2.35 26.46 -18.66
N VAL B 54 2.17 25.16 -18.65
CA VAL B 54 1.44 24.51 -19.76
C VAL B 54 0.24 23.79 -19.21
N ASN B 55 -0.93 24.03 -19.82
CA ASN B 55 -2.14 23.39 -19.34
C ASN B 55 -3.11 23.21 -20.52
N GLU B 56 -4.33 22.77 -20.21
CA GLU B 56 -5.30 22.45 -21.27
C GLU B 56 -5.59 23.66 -22.16
N HIS B 57 -5.38 24.87 -21.62
CA HIS B 57 -5.74 26.09 -22.33
C HIS B 57 -4.61 26.68 -23.16
N GLY B 58 -3.39 26.19 -22.98
CA GLY B 58 -2.28 26.79 -23.70
C GLY B 58 -0.94 26.69 -23.03
N ARG B 59 0.02 27.41 -23.58
CA ARG B 59 1.40 27.46 -23.11
C ARG B 59 1.77 28.90 -22.84
N PHE B 60 2.31 29.14 -21.65
CA PHE B 60 2.53 30.50 -21.15
C PHE B 60 3.90 30.68 -20.57
N PHE B 61 4.53 31.80 -20.89
CA PHE B 61 5.75 32.22 -20.23
C PHE B 61 5.44 33.47 -19.46
N LEU B 62 5.91 33.51 -18.23
CA LEU B 62 5.76 34.67 -17.34
C LEU B 62 7.10 35.13 -16.78
N ARG B 63 7.33 36.44 -16.77
CA ARG B 63 8.52 36.98 -16.10
C ARG B 63 8.28 36.85 -14.62
N PRO B 64 9.32 36.59 -13.83
CA PRO B 64 9.06 36.41 -12.40
C PRO B 64 8.48 37.63 -11.68
N GLU B 65 8.91 38.83 -12.03
CA GLU B 65 8.32 40.04 -11.44
C GLU B 65 6.81 40.12 -11.70
N THR B 66 6.37 39.60 -12.85
CA THR B 66 4.94 39.59 -13.19
C THR B 66 4.20 38.54 -12.36
N ALA B 67 4.64 37.29 -12.45
CA ALA B 67 3.93 36.22 -11.78
C ALA B 67 3.96 36.34 -10.27
N LEU B 68 5.15 36.59 -9.71
CA LEU B 68 5.31 36.34 -8.29
C LEU B 68 4.83 37.47 -7.39
N ALA B 69 4.47 38.60 -8.01
CA ALA B 69 3.80 39.67 -7.29
C ALA B 69 2.33 39.73 -7.65
N ASP B 70 1.83 38.76 -8.40
CA ASP B 70 0.39 38.69 -8.68
C ASP B 70 -0.28 37.88 -7.61
N PRO B 71 -1.27 38.44 -6.93
CA PRO B 71 -1.87 37.73 -5.80
C PRO B 71 -2.65 36.48 -6.23
N GLN B 72 -3.22 36.49 -7.44
CA GLN B 72 -3.89 35.29 -7.93
C GLN B 72 -2.90 34.16 -8.27
N PHE B 73 -1.76 34.52 -8.82
CA PHE B 73 -0.79 33.49 -9.18
C PHE B 73 -0.20 32.92 -7.90
N VAL B 74 0.13 33.77 -6.95
CA VAL B 74 0.66 33.29 -5.69
C VAL B 74 -0.38 32.37 -4.98
N ALA B 75 -1.67 32.71 -5.02
CA ALA B 75 -2.64 31.88 -4.34
C ALA B 75 -2.76 30.53 -5.04
N TRP B 76 -2.62 30.57 -6.36
CA TRP B 76 -2.67 29.35 -7.17
C TRP B 76 -1.48 28.46 -6.81
N LEU B 77 -0.28 29.04 -6.70
CA LEU B 77 0.91 28.26 -6.32
C LEU B 77 0.67 27.53 -4.99
N GLY B 78 -0.03 28.20 -4.07
CA GLY B 78 -0.21 27.73 -2.72
C GLY B 78 -1.46 26.88 -2.51
N ASP B 79 -2.25 26.63 -3.55
CA ASP B 79 -3.46 25.87 -3.40
C ASP B 79 -3.20 24.38 -3.68
N GLU B 80 -3.35 23.54 -2.66
CA GLU B 80 -3.02 22.10 -2.80
C GLU B 80 -3.94 21.41 -3.79
N THR B 81 -5.08 22.04 -4.09
CA THR B 81 -6.06 21.45 -5.00
C THR B 81 -5.78 21.79 -6.46
N LYS B 82 -4.84 22.70 -6.67
CA LYS B 82 -4.38 23.01 -8.03
C LYS B 82 -3.12 22.20 -8.25
N LYS B 83 -3.20 21.16 -9.07
CA LYS B 83 -2.14 20.15 -9.17
C LYS B 83 -1.09 20.57 -10.19
N LYS B 84 0.17 20.45 -9.81
CA LYS B 84 1.31 20.81 -10.67
C LYS B 84 2.21 19.62 -10.96
N SER B 85 2.57 19.47 -12.23
N SER B 85 2.56 19.45 -12.22
CA SER B 85 3.62 18.55 -12.61
CA SER B 85 3.61 18.51 -12.57
C SER B 85 4.88 19.33 -12.90
C SER B 85 4.86 19.32 -12.87
N MET B 86 6.01 18.83 -12.41
CA MET B 86 7.25 19.58 -12.45
C MET B 86 8.43 18.65 -12.60
N PHE B 87 9.60 19.25 -12.73
CA PHE B 87 10.90 18.57 -12.66
C PHE B 87 11.72 19.22 -11.58
N ASP B 88 12.11 18.45 -10.54
CA ASP B 88 12.91 19.01 -9.41
C ASP B 88 12.06 20.04 -8.71
N SER B 89 10.91 19.58 -8.23
CA SER B 89 10.03 20.45 -7.48
C SER B 89 10.65 20.97 -6.18
N LYS B 90 11.59 20.24 -5.60
CA LYS B 90 12.27 20.78 -4.41
C LYS B 90 13.04 22.06 -4.65
N ARG B 91 13.75 22.07 -5.77
CA ARG B 91 14.46 23.27 -6.18
C ARG B 91 13.47 24.44 -6.28
N ALA B 92 12.34 24.24 -6.96
CA ALA B 92 11.38 25.30 -7.08
C ALA B 92 10.78 25.68 -5.72
N ALA B 93 10.44 24.71 -4.91
CA ALA B 93 9.82 25.00 -3.62
C ALA B 93 10.74 25.81 -2.71
N VAL B 94 12.01 25.44 -2.64
CA VAL B 94 12.94 26.15 -1.80
C VAL B 94 13.20 27.52 -2.37
N ALA B 95 13.40 27.63 -3.68
CA ALA B 95 13.63 28.95 -4.23
C ALA B 95 12.44 29.84 -3.94
N LEU B 96 11.22 29.30 -4.05
CA LEU B 96 10.05 30.09 -3.74
C LEU B 96 9.97 30.46 -2.26
N LYS B 97 10.37 29.55 -1.37
CA LYS B 97 10.39 29.88 0.06
C LYS B 97 11.30 31.07 0.28
N TRP B 98 12.43 31.12 -0.43
CA TRP B 98 13.39 32.25 -0.32
C TRP B 98 12.78 33.54 -0.86
N LYS B 99 11.76 33.41 -1.72
CA LYS B 99 11.00 34.56 -2.23
C LYS B 99 9.71 34.80 -1.44
N GLY B 100 9.53 34.07 -0.33
CA GLY B 100 8.39 34.31 0.55
C GLY B 100 7.06 33.68 0.14
N ILE B 101 7.16 32.67 -0.74
CA ILE B 101 5.98 32.07 -1.37
C ILE B 101 6.00 30.55 -1.16
N GLU B 102 4.80 30.05 -0.82
CA GLU B 102 4.52 28.65 -0.57
C GLU B 102 4.02 27.95 -1.81
N LEU B 103 4.69 26.85 -2.16
CA LEU B 103 4.29 25.98 -3.27
C LEU B 103 3.62 24.71 -2.70
N CYS B 104 2.39 24.46 -3.13
CA CYS B 104 1.63 23.26 -2.78
C CYS B 104 1.06 22.60 -4.05
N GLY B 105 0.53 21.40 -3.87
CA GLY B 105 -0.11 20.68 -4.94
C GLY B 105 0.78 20.04 -5.98
N VAL B 106 2.05 19.81 -5.69
CA VAL B 106 2.90 19.11 -6.65
C VAL B 106 2.45 17.65 -6.67
N SER B 107 1.99 17.21 -7.84
CA SER B 107 1.46 15.84 -8.01
C SER B 107 2.34 14.91 -8.81
N PHE B 108 3.34 15.44 -9.50
CA PHE B 108 4.26 14.64 -10.30
C PHE B 108 5.58 15.36 -10.43
N ASP B 109 6.66 14.65 -10.12
CA ASP B 109 8.00 15.17 -10.28
C ASP B 109 8.79 14.25 -11.22
N LEU B 110 8.99 14.75 -12.43
CA LEU B 110 9.70 13.98 -13.43
C LEU B 110 11.13 13.59 -13.10
N LEU B 111 11.84 14.41 -12.31
CA LEU B 111 13.18 14.04 -11.87
C LEU B 111 13.13 12.79 -11.01
N LEU B 112 12.23 12.78 -10.05
CA LEU B 112 12.12 11.62 -9.17
C LEU B 112 11.61 10.40 -9.90
N ALA B 113 10.70 10.62 -10.84
CA ALA B 113 10.19 9.51 -11.64
C ALA B 113 11.33 8.87 -12.44
N ALA B 114 12.15 9.68 -13.08
CA ALA B 114 13.25 9.15 -13.88
C ALA B 114 14.26 8.40 -12.98
N TYR B 115 14.51 8.96 -11.80
CA TYR B 115 15.45 8.37 -10.84
C TYR B 115 15.01 6.99 -10.40
N LEU B 116 13.75 6.83 -10.10
CA LEU B 116 13.26 5.52 -9.73
C LEU B 116 13.31 4.53 -10.88
N LEU B 117 12.96 4.98 -12.10
CA LEU B 117 13.03 4.06 -13.24
C LEU B 117 14.44 3.53 -13.54
N ASP B 118 15.45 4.37 -13.37
CA ASP B 118 16.82 3.97 -13.62
C ASP B 118 17.78 5.00 -13.07
N PRO B 119 18.26 4.81 -11.83
CA PRO B 119 19.21 5.75 -11.27
C PRO B 119 20.51 5.90 -12.05
N ALA B 120 20.85 4.91 -12.88
CA ALA B 120 22.12 4.93 -13.61
C ALA B 120 22.09 5.84 -14.81
N GLN B 121 20.91 6.30 -15.19
CA GLN B 121 20.86 7.28 -16.29
C GLN B 121 21.51 8.63 -15.90
N GLY B 122 21.60 8.94 -14.62
CA GLY B 122 22.22 10.20 -14.23
C GLY B 122 21.39 11.41 -14.63
N VAL B 123 20.10 11.20 -14.78
CA VAL B 123 19.22 12.28 -15.25
C VAL B 123 19.33 13.49 -14.34
N ASP B 124 19.73 14.63 -14.89
CA ASP B 124 19.67 15.85 -14.11
C ASP B 124 19.16 17.05 -14.90
N ASP B 125 18.49 16.79 -16.03
CA ASP B 125 17.70 17.83 -16.66
C ASP B 125 16.52 17.21 -17.40
N VAL B 126 15.55 18.04 -17.75
CA VAL B 126 14.37 17.55 -18.42
C VAL B 126 14.71 16.78 -19.71
N ALA B 127 15.63 17.29 -20.50
CA ALA B 127 15.97 16.63 -21.76
C ALA B 127 16.43 15.20 -21.56
N ALA B 128 17.25 14.97 -20.55
CA ALA B 128 17.71 13.61 -20.26
C ALA B 128 16.58 12.68 -19.85
N ALA B 129 15.63 13.15 -19.04
CA ALA B 129 14.51 12.32 -18.69
C ALA B 129 13.68 12.04 -19.93
N ALA B 130 13.47 13.08 -20.73
CA ALA B 130 12.61 12.96 -21.91
C ALA B 130 13.15 11.92 -22.90
N LYS B 131 14.48 11.84 -22.99
CA LYS B 131 15.16 10.85 -23.87
C LYS B 131 14.78 9.42 -23.54
N MET B 132 14.48 9.16 -22.27
CA MET B 132 14.01 7.84 -21.83
C MET B 132 12.75 7.37 -22.54
N LYS B 133 11.91 8.29 -23.01
CA LYS B 133 10.70 7.93 -23.71
C LYS B 133 10.66 8.49 -25.14
N GLN B 134 11.83 8.64 -25.72
CA GLN B 134 11.94 9.06 -27.13
C GLN B 134 11.32 10.41 -27.43
N TYR B 135 11.41 11.31 -26.46
CA TYR B 135 10.91 12.67 -26.57
C TYR B 135 12.12 13.59 -26.61
N GLU B 136 12.26 14.34 -27.71
CA GLU B 136 13.43 15.14 -28.01
C GLU B 136 13.12 16.58 -28.45
N ALA B 137 11.91 17.03 -28.17
CA ALA B 137 11.49 18.39 -28.48
C ALA B 137 11.79 19.41 -27.36
N VAL B 138 12.99 19.27 -26.83
CA VAL B 138 13.50 20.10 -25.76
C VAL B 138 15.00 20.02 -25.76
N ARG B 139 15.67 21.10 -25.40
CA ARG B 139 17.14 21.09 -25.38
C ARG B 139 17.67 20.76 -24.00
N PRO B 140 18.87 20.19 -23.92
CA PRO B 140 19.57 20.12 -22.65
C PRO B 140 19.81 21.50 -22.10
N ASP B 141 19.76 21.58 -20.78
CA ASP B 141 19.99 22.85 -20.11
C ASP B 141 21.36 23.41 -20.45
N GLU B 142 22.36 22.54 -20.52
CA GLU B 142 23.71 22.99 -20.73
C GLU B 142 23.81 23.58 -22.13
N ALA B 143 22.98 23.11 -23.09
CA ALA B 143 22.96 23.68 -24.43
C ALA B 143 22.44 25.12 -24.45
N VAL B 144 21.51 25.43 -23.55
CA VAL B 144 20.92 26.73 -23.48
C VAL B 144 21.70 27.70 -22.61
N TYR B 145 22.21 27.24 -21.48
CA TYR B 145 22.83 28.14 -20.49
C TYR B 145 24.35 28.21 -20.62
N GLY B 146 24.93 27.23 -21.30
CA GLY B 146 26.38 27.15 -21.44
C GLY B 146 27.03 26.62 -20.18
N LYS B 147 28.35 26.47 -20.20
CA LYS B 147 29.01 25.91 -19.05
C LYS B 147 30.13 26.78 -18.53
N GLY B 148 30.39 26.61 -17.24
CA GLY B 148 31.53 27.21 -16.60
C GLY B 148 31.45 28.72 -16.60
N ALA B 149 32.57 29.36 -16.91
CA ALA B 149 32.63 30.81 -16.91
C ALA B 149 31.76 31.43 -17.99
N LYS B 150 31.31 30.61 -18.94
CA LYS B 150 30.46 31.15 -20.01
C LYS B 150 28.96 30.98 -19.71
N ARG B 151 28.65 30.40 -18.56
CA ARG B 151 27.24 30.13 -18.23
C ARG B 151 26.50 31.45 -18.13
N ALA B 152 25.36 31.56 -18.81
CA ALA B 152 24.57 32.79 -18.78
C ALA B 152 23.12 32.55 -19.10
N VAL B 153 22.24 33.35 -18.50
CA VAL B 153 20.83 33.35 -18.88
C VAL B 153 20.70 34.01 -20.26
N PRO B 154 20.08 33.31 -21.23
CA PRO B 154 19.96 33.86 -22.58
C PRO B 154 18.92 34.97 -22.66
N ASP B 155 18.85 35.62 -23.81
CA ASP B 155 17.82 36.60 -24.09
C ASP B 155 16.41 35.99 -23.94
N GLU B 156 15.45 36.82 -23.56
CA GLU B 156 14.12 36.38 -23.20
C GLU B 156 13.45 35.41 -24.18
N PRO B 157 13.49 35.72 -25.50
CA PRO B 157 12.78 34.80 -26.38
C PRO B 157 13.37 33.38 -26.34
N VAL B 158 14.67 33.27 -26.16
CA VAL B 158 15.33 31.97 -26.10
C VAL B 158 15.02 31.32 -24.77
N LEU B 159 15.15 32.10 -23.70
CA LEU B 159 14.82 31.55 -22.37
C LEU B 159 13.37 31.06 -22.33
N ALA B 160 12.45 31.87 -22.84
CA ALA B 160 11.04 31.54 -22.79
C ALA B 160 10.71 30.28 -23.57
N GLU B 161 11.23 30.13 -24.78
CA GLU B 161 10.98 28.89 -25.51
C GLU B 161 11.52 27.68 -24.76
N HIS B 162 12.66 27.85 -24.12
CA HIS B 162 13.27 26.74 -23.38
C HIS B 162 12.38 26.35 -22.21
N LEU B 163 11.91 27.33 -21.44
CA LEU B 163 11.11 26.98 -20.28
C LEU B 163 9.80 26.41 -20.73
N VAL B 164 9.20 26.95 -21.80
CA VAL B 164 7.96 26.39 -22.31
C VAL B 164 8.16 24.95 -22.86
N ARG B 165 9.27 24.70 -23.57
CA ARG B 165 9.50 23.32 -24.06
C ARG B 165 9.71 22.35 -22.91
N LYS B 166 10.31 22.82 -21.81
CA LYS B 166 10.48 21.95 -20.63
C LYS B 166 9.12 21.63 -20.03
N ALA B 167 8.29 22.66 -19.89
CA ALA B 167 6.94 22.48 -19.37
C ALA B 167 6.09 21.56 -20.25
N ALA B 168 6.22 21.73 -21.56
CA ALA B 168 5.44 20.89 -22.45
C ALA B 168 5.91 19.44 -22.40
N ALA B 169 7.22 19.24 -22.25
CA ALA B 169 7.77 17.88 -22.07
C ALA B 169 7.19 17.23 -20.81
N ILE B 170 7.25 17.94 -19.69
CA ILE B 170 6.65 17.40 -18.46
C ILE B 170 5.14 17.06 -18.66
N TRP B 171 4.40 17.93 -19.35
CA TRP B 171 3.01 17.72 -19.62
C TRP B 171 2.78 16.42 -20.38
N GLU B 172 3.62 16.15 -21.34
CA GLU B 172 3.45 14.96 -22.17
C GLU B 172 4.00 13.68 -21.59
N LEU B 173 4.98 13.79 -20.71
CA LEU B 173 5.74 12.66 -20.22
C LEU B 173 5.16 12.05 -18.94
N GLU B 174 4.28 12.78 -18.25
CA GLU B 174 3.73 12.27 -17.00
C GLU B 174 3.13 10.88 -17.21
N ARG B 175 2.26 10.75 -18.24
CA ARG B 175 1.56 9.48 -18.47
C ARG B 175 2.51 8.32 -18.76
N PRO B 176 3.43 8.44 -19.74
CA PRO B 176 4.31 7.29 -19.97
C PRO B 176 5.21 6.95 -18.81
N PHE B 177 5.67 7.96 -18.03
CA PHE B 177 6.46 7.66 -16.85
C PHE B 177 5.65 6.93 -15.79
N LEU B 178 4.43 7.39 -15.51
CA LEU B 178 3.61 6.71 -14.53
C LEU B 178 3.28 5.30 -15.02
N ASP B 179 3.11 5.14 -16.32
CA ASP B 179 2.80 3.75 -16.80
C ASP B 179 3.97 2.81 -16.52
N GLU B 180 5.22 3.21 -16.77
CA GLU B 180 6.36 2.35 -16.52
C GLU B 180 6.55 2.17 -15.01
N LEU B 181 6.34 3.23 -14.26
CA LEU B 181 6.46 3.09 -12.82
C LEU B 181 5.44 2.04 -12.32
N ARG B 182 4.21 2.09 -12.78
CA ARG B 182 3.17 1.13 -12.45
C ARG B 182 3.61 -0.30 -12.80
N ARG B 183 4.13 -0.50 -14.02
CA ARG B 183 4.66 -1.83 -14.37
C ARG B 183 5.72 -2.35 -13.41
N ASN B 184 6.54 -1.43 -12.90
CA ASN B 184 7.67 -1.78 -12.05
C ASN B 184 7.26 -1.90 -10.57
N GLU B 185 6.00 -1.68 -10.28
CA GLU B 185 5.52 -1.59 -8.89
C GLU B 185 6.16 -0.44 -8.16
N GLN B 186 6.37 0.68 -8.87
CA GLN B 186 7.02 1.87 -8.31
C GLN B 186 6.12 3.08 -8.29
N ASP B 187 4.85 2.97 -8.70
CA ASP B 187 4.06 4.21 -8.69
C ASP B 187 3.74 4.73 -7.30
N ARG B 188 3.52 3.86 -6.31
CA ARG B 188 3.33 4.39 -4.99
C ARG B 188 4.67 4.84 -4.39
N LEU B 189 5.77 4.15 -4.75
CA LEU B 189 7.05 4.60 -4.30
C LEU B 189 7.28 6.07 -4.67
N LEU B 190 6.87 6.45 -5.87
CA LEU B 190 6.97 7.84 -6.27
C LEU B 190 6.01 8.75 -5.50
N VAL B 191 4.72 8.41 -5.55
N VAL B 191 4.71 8.47 -5.53
CA VAL B 191 3.63 9.29 -5.12
CA VAL B 191 3.75 9.49 -5.06
C VAL B 191 3.49 9.41 -3.62
C VAL B 191 3.46 9.42 -3.58
N GLU B 192 3.78 8.30 -2.93
CA GLU B 192 3.56 8.19 -1.48
C GLU B 192 4.88 8.27 -0.67
N LEU B 193 6.02 8.08 -1.30
CA LEU B 193 7.31 8.14 -0.61
C LEU B 193 8.17 9.30 -1.12
N GLU B 194 8.66 9.24 -2.35
CA GLU B 194 9.62 10.25 -2.76
C GLU B 194 9.05 11.64 -2.87
N GLN B 195 7.83 11.78 -3.43
CA GLN B 195 7.26 13.11 -3.60
C GLN B 195 6.95 13.77 -2.23
N PRO B 196 6.27 13.10 -1.32
CA PRO B 196 6.12 13.71 0.02
C PRO B 196 7.45 13.96 0.73
N LEU B 197 8.45 13.10 0.57
CA LEU B 197 9.77 13.35 1.15
C LEU B 197 10.41 14.64 0.59
N SER B 198 10.26 14.86 -0.69
CA SER B 198 10.76 16.05 -1.29
C SER B 198 10.31 17.32 -0.54
N SER B 199 9.03 17.38 -0.19
CA SER B 199 8.46 18.50 0.53
CA SER B 199 8.46 18.51 0.53
C SER B 199 9.10 18.65 1.90
N ILE B 200 9.31 17.53 2.58
CA ILE B 200 9.95 17.53 3.90
C ILE B 200 11.40 18.03 3.79
N LEU B 201 12.15 17.50 2.83
CA LEU B 201 13.51 17.89 2.63
C LEU B 201 13.57 19.41 2.31
N ALA B 202 12.60 19.93 1.53
CA ALA B 202 12.59 21.36 1.20
C ALA B 202 12.49 22.20 2.48
N GLU B 203 11.62 21.73 3.37
CA GLU B 203 11.44 22.39 4.65
C GLU B 203 12.73 22.33 5.44
N MET B 204 13.38 21.17 5.45
CA MET B 204 14.62 21.01 6.24
C MET B 204 15.71 21.92 5.70
N GLU B 205 15.85 21.93 4.39
CA GLU B 205 16.90 22.73 3.77
C GLU B 205 16.66 24.21 4.05
N PHE B 206 15.41 24.69 3.91
CA PHE B 206 15.14 26.10 4.07
C PHE B 206 15.30 26.48 5.55
N ALA B 207 14.95 25.59 6.47
CA ALA B 207 15.13 25.89 7.89
C ALA B 207 16.62 26.15 8.22
N GLY B 208 17.47 25.25 7.71
CA GLY B 208 18.90 25.35 7.95
C GLY B 208 19.27 24.94 9.35
N VAL B 209 20.59 24.94 9.62
CA VAL B 209 21.11 24.61 10.95
C VAL B 209 21.95 25.81 11.39
N LYS B 210 21.71 26.27 12.62
CA LYS B 210 22.45 27.40 13.17
C LYS B 210 23.86 26.99 13.63
N VAL B 211 24.81 27.88 13.37
CA VAL B 211 26.23 27.71 13.66
C VAL B 211 26.73 28.77 14.67
N ASP B 212 27.42 28.31 15.70
CA ASP B 212 28.07 29.20 16.67
C ASP B 212 29.39 29.57 16.05
N THR B 213 29.40 30.69 15.31
CA THR B 213 30.59 31.09 14.57
C THR B 213 31.71 31.59 15.50
N LYS B 214 31.36 32.15 16.67
CA LYS B 214 32.39 32.54 17.60
C LYS B 214 33.17 31.32 18.06
N ARG B 215 32.48 30.24 18.39
CA ARG B 215 33.14 29.02 18.84
C ARG B 215 33.93 28.39 17.68
N LEU B 216 33.33 28.34 16.48
CA LEU B 216 34.04 27.79 15.35
C LEU B 216 35.30 28.57 15.00
N GLU B 217 35.24 29.88 15.07
CA GLU B 217 36.41 30.65 14.77
C GLU B 217 37.47 30.46 15.85
N GLN B 218 37.08 30.38 17.12
CA GLN B 218 38.06 30.09 18.18
C GLN B 218 38.70 28.71 17.99
N MET B 219 37.91 27.69 17.64
CA MET B 219 38.49 26.40 17.35
C MET B 219 39.49 26.49 16.17
N GLY B 220 39.15 27.30 15.18
CA GLY B 220 39.99 27.47 14.03
C GLY B 220 41.33 28.09 14.38
N LYS B 221 41.29 29.12 15.23
CA LYS B 221 42.52 29.82 15.60
C LYS B 221 43.44 28.86 16.36
N GLU B 222 42.86 28.10 17.28
CA GLU B 222 43.62 27.14 18.07
C GLU B 222 44.13 26.01 17.19
N LEU B 223 43.29 25.55 16.27
CA LEU B 223 43.69 24.49 15.37
C LEU B 223 44.89 24.90 14.54
N ALA B 224 44.96 26.18 14.17
CA ALA B 224 46.01 26.63 13.25
C ALA B 224 47.31 26.63 14.01
N GLU B 225 47.23 26.89 15.31
CA GLU B 225 48.40 26.84 16.16
C GLU B 225 48.88 25.41 16.33
N GLN B 226 47.94 24.51 16.60
CA GLN B 226 48.30 23.11 16.76
C GLN B 226 48.88 22.52 15.46
N LEU B 227 48.28 22.83 14.31
CA LEU B 227 48.81 22.40 13.01
C LEU B 227 50.26 22.81 12.80
N GLY B 228 50.55 24.05 13.16
CA GLY B 228 51.91 24.57 13.04
C GLY B 228 52.91 23.75 13.84
N THR B 229 52.52 23.34 15.04
CA THR B 229 53.42 22.58 15.91
C THR B 229 53.69 21.21 15.30
N VAL B 230 52.64 20.57 14.80
CA VAL B 230 52.79 19.24 14.23
C VAL B 230 53.60 19.33 12.94
N GLU B 231 53.32 20.37 12.17
CA GLU B 231 54.02 20.64 10.92
C GLU B 231 55.52 20.70 11.20
N GLN B 232 55.89 21.48 12.21
CA GLN B 232 57.31 21.69 12.48
C GLN B 232 57.93 20.40 12.95
N ARG B 233 57.22 19.67 13.80
CA ARG B 233 57.70 18.36 14.22
C ARG B 233 57.99 17.50 12.98
N ILE B 234 57.10 17.53 11.99
CA ILE B 234 57.27 16.68 10.81
C ILE B 234 58.48 17.09 9.99
N TYR B 235 58.71 18.39 9.86
CA TYR B 235 59.88 18.85 9.14
C TYR B 235 61.16 18.44 9.88
N GLU B 236 61.11 18.43 11.21
CA GLU B 236 62.25 18.03 12.05
C GLU B 236 62.55 16.52 11.94
N LEU B 237 61.53 15.68 12.11
CA LEU B 237 61.69 14.24 11.84
C LEU B 237 62.11 13.95 10.42
N ALA B 238 61.70 14.77 9.47
CA ALA B 238 61.99 14.52 8.06
C ALA B 238 63.37 15.02 7.69
N GLY B 239 63.85 16.04 8.41
CA GLY B 239 65.11 16.69 8.09
C GLY B 239 65.00 17.70 6.96
N GLN B 240 63.77 18.10 6.65
CA GLN B 240 63.53 18.90 5.46
C GLN B 240 62.06 19.38 5.48
N GLU B 241 61.83 20.61 5.01
CA GLU B 241 60.47 21.10 4.76
C GLU B 241 60.00 20.59 3.41
N PHE B 242 58.71 20.19 3.34
CA PHE B 242 58.09 19.79 2.08
C PHE B 242 56.57 20.01 2.25
N ASN B 243 55.80 19.89 1.16
CA ASN B 243 54.33 20.01 1.23
C ASN B 243 53.70 18.67 1.61
N ILE B 244 53.31 18.57 2.88
CA ILE B 244 52.80 17.33 3.46
C ILE B 244 51.49 16.95 2.78
N ASN B 245 50.87 17.92 2.14
CA ASN B 245 49.57 17.71 1.51
C ASN B 245 49.73 17.31 0.07
N SER B 246 50.96 17.09 -0.32
CA SER B 246 51.20 16.54 -1.62
C SER B 246 51.60 15.07 -1.46
N PRO B 247 50.69 14.14 -1.79
CA PRO B 247 51.08 12.72 -1.71
C PRO B 247 52.37 12.42 -2.46
N LYS B 248 52.61 13.16 -3.54
CA LYS B 248 53.79 12.96 -4.37
C LYS B 248 55.10 13.37 -3.70
N GLN B 249 55.15 14.60 -3.18
CA GLN B 249 56.30 15.05 -2.39
C GLN B 249 56.46 14.17 -1.17
N LEU B 250 55.33 13.75 -0.62
CA LEU B 250 55.33 12.94 0.57
C LEU B 250 55.92 11.58 0.27
N GLY B 251 55.63 11.05 -0.92
CA GLY B 251 56.13 9.74 -1.28
C GLY B 251 57.64 9.77 -1.34
N VAL B 252 58.19 10.86 -1.88
CA VAL B 252 59.64 11.00 -1.95
C VAL B 252 60.28 10.96 -0.57
N ILE B 253 59.73 11.75 0.35
CA ILE B 253 60.23 11.79 1.72
C ILE B 253 60.22 10.39 2.35
N LEU B 254 59.06 9.73 2.31
CA LEU B 254 58.93 8.45 2.97
C LEU B 254 59.68 7.29 2.31
N PHE B 255 59.61 7.19 0.97
CA PHE B 255 60.02 5.97 0.28
C PHE B 255 61.32 6.10 -0.46
N GLU B 256 61.79 7.34 -0.63
CA GLU B 256 63.12 7.54 -1.21
C GLU B 256 64.09 8.04 -0.16
N LYS B 257 63.81 9.20 0.41
CA LYS B 257 64.66 9.73 1.46
C LYS B 257 64.78 8.82 2.68
N LEU B 258 63.64 8.40 3.25
CA LEU B 258 63.66 7.64 4.51
C LEU B 258 63.70 6.13 4.26
N GLN B 259 63.51 5.75 3.00
CA GLN B 259 63.64 4.37 2.56
C GLN B 259 62.70 3.43 3.28
N LEU B 260 61.46 3.86 3.52
CA LEU B 260 60.51 2.97 4.12
C LEU B 260 59.97 1.99 3.07
N PRO B 261 59.45 0.85 3.53
CA PRO B 261 58.97 -0.10 2.55
C PRO B 261 57.77 0.45 1.76
N VAL B 262 57.74 0.11 0.47
CA VAL B 262 56.61 0.40 -0.41
C VAL B 262 55.61 -0.74 -0.38
N LEU B 263 54.48 -0.52 0.28
CA LEU B 263 53.48 -1.56 0.47
C LEU B 263 52.40 -1.57 -0.62
N LYS B 264 52.23 -0.43 -1.29
CA LYS B 264 51.20 -0.29 -2.31
C LYS B 264 51.53 0.85 -3.25
N LYS B 265 51.19 0.68 -4.52
CA LYS B 265 51.31 1.77 -5.49
C LYS B 265 49.94 2.17 -6.05
N THR B 266 49.80 3.44 -6.44
CA THR B 266 48.63 3.92 -7.18
C THR B 266 49.10 4.10 -8.62
N LYS B 267 48.22 4.41 -9.56
CA LYS B 267 48.72 4.58 -10.93
C LYS B 267 49.57 5.85 -11.09
N THR B 268 49.50 6.77 -10.14
CA THR B 268 50.33 7.96 -10.21
C THR B 268 51.60 7.90 -9.37
N GLY B 269 51.75 6.89 -8.52
CA GLY B 269 52.95 6.75 -7.69
C GLY B 269 52.80 5.89 -6.46
N TYR B 270 53.57 6.22 -5.41
CA TYR B 270 53.49 5.52 -4.13
C TYR B 270 52.19 5.85 -3.39
N SER B 271 51.50 4.85 -2.87
CA SER B 271 50.38 5.15 -2.00
C SER B 271 50.83 5.66 -0.64
N THR B 272 50.15 6.69 -0.15
CA THR B 272 50.34 7.17 1.21
C THR B 272 49.00 7.18 1.95
N SER B 273 48.10 6.28 1.57
CA SER B 273 46.80 6.19 2.22
C SER B 273 46.97 5.88 3.70
N ALA B 274 45.98 6.21 4.50
CA ALA B 274 46.09 6.05 5.95
C ALA B 274 46.30 4.56 6.29
N ASP B 275 45.66 3.67 5.55
CA ASP B 275 45.86 2.24 5.79
C ASP B 275 47.33 1.83 5.65
N VAL B 276 47.95 2.26 4.56
CA VAL B 276 49.39 2.07 4.35
C VAL B 276 50.23 2.69 5.47
N LEU B 277 50.04 3.97 5.73
CA LEU B 277 50.83 4.65 6.77
C LEU B 277 50.70 3.99 8.13
N GLU B 278 49.51 3.50 8.47
CA GLU B 278 49.32 2.94 9.79
C GLU B 278 50.24 1.73 9.89
N LYS B 279 50.42 1.03 8.77
CA LYS B 279 51.22 -0.19 8.77
C LYS B 279 52.70 0.15 8.81
N LEU B 280 53.06 1.37 8.45
CA LEU B 280 54.46 1.81 8.50
C LEU B 280 54.84 2.40 9.85
N ALA B 281 53.90 2.46 10.79
CA ALA B 281 54.16 3.14 12.05
C ALA B 281 55.32 2.52 12.86
N PRO B 282 55.53 1.21 12.71
CA PRO B 282 56.65 0.65 13.48
C PRO B 282 58.02 1.09 12.93
N TYR B 283 58.05 1.68 11.75
CA TYR B 283 59.33 2.01 11.11
C TYR B 283 59.87 3.40 11.48
N HIS B 284 58.99 4.37 11.64
CA HIS B 284 59.41 5.74 11.80
C HIS B 284 58.25 6.50 12.42
N GLU B 285 58.55 7.34 13.41
CA GLU B 285 57.49 8.03 14.12
C GLU B 285 57.01 9.25 13.34
N ILE B 286 57.59 9.48 12.16
CA ILE B 286 57.07 10.53 11.31
C ILE B 286 55.67 10.18 10.77
N VAL B 287 55.37 8.88 10.63
CA VAL B 287 54.15 8.52 9.91
C VAL B 287 52.94 8.84 10.77
N GLU B 288 53.04 8.63 12.08
CA GLU B 288 51.92 8.96 12.95
C GLU B 288 51.71 10.48 12.99
N ASN B 289 52.79 11.24 13.00
CA ASN B 289 52.70 12.70 12.90
C ASN B 289 51.99 13.15 11.63
N ILE B 290 52.33 12.53 10.51
CA ILE B 290 51.74 12.86 9.22
C ILE B 290 50.22 12.54 9.23
N LEU B 291 49.87 11.36 9.75
CA LEU B 291 48.46 11.01 9.87
C LEU B 291 47.70 12.07 10.66
N HIS B 292 48.30 12.51 11.78
CA HIS B 292 47.67 13.49 12.64
C HIS B 292 47.56 14.82 11.94
N TYR B 293 48.64 15.20 11.24
CA TYR B 293 48.63 16.45 10.50
C TYR B 293 47.54 16.48 9.44
N ARG B 294 47.36 15.37 8.72
CA ARG B 294 46.37 15.35 7.66
C ARG B 294 44.95 15.34 8.27
N GLN B 295 44.78 14.78 9.45
CA GLN B 295 43.49 14.89 10.14
C GLN B 295 43.21 16.35 10.52
N LEU B 296 44.16 16.99 11.20
CA LEU B 296 43.98 18.40 11.59
C LEU B 296 43.79 19.31 10.37
N GLY B 297 44.51 19.03 9.31
CA GLY B 297 44.45 19.76 8.09
C GLY B 297 43.04 19.71 7.44
N LYS B 298 42.43 18.53 7.50
CA LYS B 298 41.09 18.35 6.91
C LYS B 298 40.05 19.05 7.77
N LEU B 299 40.22 19.00 9.08
CA LEU B 299 39.35 19.79 9.95
C LEU B 299 39.41 21.27 9.59
N GLN B 300 40.63 21.79 9.44
CA GLN B 300 40.78 23.21 9.14
C GLN B 300 40.21 23.55 7.78
N SER B 301 40.55 22.78 6.75
CA SER B 301 40.19 23.18 5.39
C SER B 301 38.69 23.06 5.15
N THR B 302 38.09 22.05 5.76
CA THR B 302 36.72 21.66 5.44
C THR B 302 35.68 21.98 6.50
N TYR B 303 35.99 21.70 7.75
CA TYR B 303 34.98 21.83 8.81
C TYR B 303 35.10 23.15 9.59
N ILE B 304 36.19 23.87 9.37
CA ILE B 304 36.32 25.24 9.85
C ILE B 304 36.20 26.25 8.70
N GLU B 305 37.19 26.29 7.82
CA GLU B 305 37.18 27.27 6.74
C GLU B 305 36.03 27.03 5.76
N GLY B 306 35.90 25.79 5.30
CA GLY B 306 34.88 25.46 4.33
C GLY B 306 33.48 25.71 4.88
N LEU B 307 33.26 25.40 6.14
CA LEU B 307 31.99 25.59 6.77
C LEU B 307 31.68 27.09 6.90
N LEU B 308 32.66 27.87 7.35
CA LEU B 308 32.47 29.32 7.49
C LEU B 308 32.12 29.98 6.17
N LYS B 309 32.60 29.42 5.08
CA LYS B 309 32.37 30.03 3.77
C LYS B 309 30.91 29.92 3.39
N VAL B 310 30.20 28.93 3.91
CA VAL B 310 28.83 28.71 3.47
C VAL B 310 27.80 29.11 4.53
N VAL B 311 28.27 29.65 5.67
CA VAL B 311 27.36 30.20 6.65
C VAL B 311 26.76 31.51 6.13
N ARG B 312 25.44 31.63 6.15
CA ARG B 312 24.77 32.90 5.82
C ARG B 312 24.99 33.86 6.96
N PRO B 313 25.69 34.99 6.68
CA PRO B 313 26.15 35.80 7.81
C PRO B 313 25.04 36.41 8.65
N ALA B 314 23.92 36.75 8.03
CA ALA B 314 22.87 37.45 8.77
C ALA B 314 22.14 36.59 9.77
N THR B 315 22.12 35.27 9.53
CA THR B 315 21.37 34.39 10.41
C THR B 315 22.27 33.31 11.08
N LYS B 316 23.54 33.25 10.67
CA LYS B 316 24.47 32.21 11.09
C LYS B 316 23.97 30.82 10.79
N LYS B 317 23.15 30.68 9.77
CA LYS B 317 22.68 29.34 9.39
C LYS B 317 23.40 28.78 8.15
N VAL B 318 23.54 27.46 8.10
CA VAL B 318 24.00 26.76 6.89
C VAL B 318 22.80 25.97 6.34
N HIS B 319 22.67 25.97 5.03
CA HIS B 319 21.53 25.38 4.33
C HIS B 319 22.05 24.38 3.31
N THR B 320 22.13 23.13 3.70
CA THR B 320 22.55 22.08 2.80
C THR B 320 21.52 21.87 1.69
N ILE B 321 21.95 21.16 0.63
CA ILE B 321 21.04 20.63 -0.35
C ILE B 321 21.14 19.11 -0.26
N PHE B 322 20.02 18.47 0.02
CA PHE B 322 19.94 17.02 0.01
C PHE B 322 19.59 16.59 -1.42
N ASN B 323 20.56 16.01 -2.13
N ASN B 323 20.55 15.96 -2.07
CA ASN B 323 20.29 15.49 -3.49
CA ASN B 323 20.29 15.45 -3.41
C ASN B 323 19.53 14.19 -3.30
C ASN B 323 19.53 14.14 -3.29
N GLN B 324 18.28 14.17 -3.74
CA GLN B 324 17.40 13.04 -3.65
C GLN B 324 17.41 12.13 -4.88
N ALA B 325 18.08 12.56 -5.95
CA ALA B 325 18.04 11.78 -7.21
C ALA B 325 19.45 11.50 -7.76
N LEU B 326 20.35 11.09 -6.88
CA LEU B 326 21.74 10.91 -7.18
C LEU B 326 22.27 9.52 -6.91
N THR B 327 22.11 8.99 -5.69
CA THR B 327 22.82 7.77 -5.37
C THR B 327 22.19 6.54 -6.03
N GLN B 328 23.00 5.51 -6.28
CA GLN B 328 22.53 4.35 -6.99
C GLN B 328 21.67 3.43 -6.16
N THR B 329 21.62 3.66 -4.86
CA THR B 329 20.90 2.75 -3.97
C THR B 329 19.67 3.36 -3.31
N GLY B 330 19.40 4.63 -3.54
CA GLY B 330 18.27 5.31 -2.97
C GLY B 330 18.54 6.09 -1.70
N ARG B 331 19.80 6.10 -1.29
CA ARG B 331 20.24 7.06 -0.28
C ARG B 331 20.12 8.50 -0.79
N LEU B 332 20.01 9.44 0.13
CA LEU B 332 20.28 10.82 -0.14
C LEU B 332 21.78 11.10 -0.14
N SER B 333 22.19 12.23 -0.73
CA SER B 333 23.49 12.80 -0.41
C SER B 333 23.26 14.25 0.01
N SER B 334 24.30 14.85 0.58
CA SER B 334 24.21 16.21 1.12
C SER B 334 25.39 17.01 0.63
N THR B 335 25.09 18.21 0.12
CA THR B 335 26.09 19.07 -0.49
C THR B 335 26.04 20.53 -0.05
N GLU B 336 27.24 21.13 -0.05
CA GLU B 336 27.41 22.58 0.04
C GLU B 336 26.61 23.23 1.17
N PRO B 337 26.91 22.85 2.43
CA PRO B 337 27.95 21.89 2.80
C PRO B 337 27.39 20.48 2.98
N ASN B 338 28.25 19.48 2.93
CA ASN B 338 27.88 18.12 3.32
C ASN B 338 27.74 18.09 4.81
N LEU B 339 26.53 17.87 5.31
CA LEU B 339 26.33 17.78 6.74
C LEU B 339 26.12 16.33 7.17
N GLN B 340 26.39 15.41 6.26
CA GLN B 340 26.34 13.98 6.53
C GLN B 340 27.72 13.38 6.78
N ASN B 341 28.77 14.20 6.74
CA ASN B 341 30.06 13.69 7.08
C ASN B 341 30.83 14.53 8.10
N ILE B 342 30.10 15.06 9.07
CA ILE B 342 30.73 15.86 10.15
C ILE B 342 31.47 14.89 11.10
N PRO B 343 32.72 15.24 11.51
CA PRO B 343 33.50 14.30 12.32
C PRO B 343 32.83 13.84 13.63
N ILE B 344 33.10 12.57 13.96
CA ILE B 344 32.58 12.00 15.20
C ILE B 344 33.57 11.02 15.82
N ARG B 345 34.46 10.44 15.02
CA ARG B 345 35.13 9.22 15.49
C ARG B 345 36.30 9.54 16.42
N LEU B 346 36.96 10.68 16.18
CA LEU B 346 38.07 11.11 17.05
C LEU B 346 37.61 12.29 17.88
N GLU B 347 37.94 12.35 19.18
CA GLU B 347 37.46 13.49 19.96
C GLU B 347 37.82 14.86 19.40
N GLU B 348 39.03 15.04 18.88
CA GLU B 348 39.45 16.31 18.28
C GLU B 348 38.54 16.79 17.16
N GLY B 349 38.12 15.88 16.30
CA GLY B 349 37.21 16.24 15.23
C GLY B 349 35.79 16.36 15.71
N ARG B 350 35.38 15.47 16.62
CA ARG B 350 34.04 15.52 17.16
C ARG B 350 33.65 16.88 17.76
N LYS B 351 34.62 17.58 18.34
CA LYS B 351 34.34 18.92 18.87
C LYS B 351 33.71 19.88 17.87
N ILE B 352 33.96 19.68 16.58
CA ILE B 352 33.29 20.51 15.57
C ILE B 352 31.77 20.57 15.82
N ARG B 353 31.18 19.48 16.32
CA ARG B 353 29.73 19.41 16.53
C ARG B 353 29.20 20.35 17.62
N GLN B 354 30.11 20.87 18.45
CA GLN B 354 29.76 21.90 19.41
C GLN B 354 29.34 23.20 18.74
N ALA B 355 29.73 23.38 17.48
CA ALA B 355 29.38 24.60 16.74
C ALA B 355 28.02 24.54 16.07
N PHE B 356 27.39 23.37 16.08
CA PHE B 356 26.02 23.21 15.58
C PHE B 356 25.07 23.33 16.73
N VAL B 357 24.27 24.39 16.69
CA VAL B 357 23.42 24.74 17.82
C VAL B 357 21.95 24.91 17.42
N PRO B 358 21.04 24.88 18.39
CA PRO B 358 19.63 25.15 18.07
C PRO B 358 19.38 26.56 17.55
N SER B 359 18.31 26.72 16.78
CA SER B 359 18.10 27.99 16.08
C SER B 359 17.44 29.03 16.94
N GLU B 360 16.98 28.63 18.12
CA GLU B 360 16.32 29.59 19.00
C GLU B 360 16.81 29.31 20.40
N SER B 361 16.76 30.35 21.25
CA SER B 361 17.11 30.20 22.66
CA SER B 361 17.11 30.19 22.65
C SER B 361 16.16 29.19 23.31
N ASP B 362 16.71 28.43 24.21
CA ASP B 362 15.92 27.46 24.99
C ASP B 362 15.31 26.37 24.11
N TRP B 363 15.90 26.19 22.94
CA TRP B 363 15.66 24.97 22.19
C TRP B 363 16.85 24.03 22.34
N LEU B 364 16.66 22.77 21.93
CA LEU B 364 17.64 21.72 22.05
C LEU B 364 17.66 20.88 20.77
N ILE B 365 18.79 20.20 20.56
CA ILE B 365 18.97 19.27 19.46
C ILE B 365 18.62 17.86 19.94
N PHE B 366 17.91 17.10 19.10
CA PHE B 366 17.51 15.72 19.41
C PHE B 366 17.97 14.85 18.25
N ALA B 367 18.62 13.74 18.55
CA ALA B 367 19.23 12.89 17.52
C ALA B 367 18.83 11.43 17.76
N ALA B 368 18.39 10.73 16.72
CA ALA B 368 17.93 9.35 16.88
C ALA B 368 18.50 8.56 15.72
N ASP B 369 19.05 7.39 16.02
CA ASP B 369 19.89 6.54 15.09
C ASP B 369 19.37 5.09 15.15
N TYR B 370 19.06 4.46 13.99
CA TYR B 370 18.75 3.08 14.02
C TYR B 370 19.98 2.20 14.34
N SER B 371 19.81 1.31 15.32
N SER B 371 19.84 1.32 15.32
CA SER B 371 20.82 0.34 15.69
CA SER B 371 20.90 0.40 15.66
C SER B 371 21.02 -0.78 14.67
C SER B 371 21.03 -0.73 14.66
N GLN B 372 22.26 -1.02 14.25
CA GLN B 372 22.59 -2.18 13.42
C GLN B 372 21.65 -2.29 12.28
N ILE B 373 21.40 -1.17 11.62
CA ILE B 373 20.25 -1.11 10.74
C ILE B 373 20.32 -2.09 9.56
N GLU B 374 21.43 -2.11 8.87
CA GLU B 374 21.45 -2.94 7.66
C GLU B 374 21.60 -4.43 8.01
N LEU B 375 22.18 -4.77 9.15
CA LEU B 375 22.20 -6.17 9.58
C LEU B 375 20.79 -6.67 9.92
N ARG B 376 19.96 -5.79 10.52
CA ARG B 376 18.55 -6.13 10.79
C ARG B 376 17.78 -6.34 9.49
N VAL B 377 18.00 -5.45 8.52
CA VAL B 377 17.35 -5.57 7.22
C VAL B 377 17.81 -6.87 6.54
N LEU B 378 19.11 -7.14 6.62
CA LEU B 378 19.62 -8.41 6.04
C LEU B 378 19.00 -9.62 6.74
N ALA B 379 18.89 -9.57 8.07
CA ALA B 379 18.30 -10.71 8.74
C ALA B 379 16.90 -10.98 8.21
N HIS B 380 16.12 -9.93 8.06
CA HIS B 380 14.76 -10.04 7.52
C HIS B 380 14.73 -10.59 6.07
N ILE B 381 15.54 -10.01 5.22
CA ILE B 381 15.52 -10.36 3.82
C ILE B 381 16.09 -11.79 3.59
N ALA B 382 17.20 -12.10 4.26
CA ALA B 382 17.82 -13.42 4.14
C ALA B 382 17.08 -14.50 4.89
N GLU B 383 16.24 -14.11 5.84
CA GLU B 383 15.60 -15.03 6.78
C GLU B 383 16.60 -16.00 7.39
N ASP B 384 17.72 -15.47 7.83
CA ASP B 384 18.75 -16.25 8.49
C ASP B 384 18.28 -16.49 9.94
N ASP B 385 18.05 -17.77 10.28
CA ASP B 385 17.52 -18.05 11.64
C ASP B 385 18.37 -17.48 12.77
N ASN B 386 19.68 -17.66 12.71
CA ASN B 386 20.57 -17.22 13.76
C ASN B 386 20.65 -15.69 13.83
N LEU B 387 20.70 -15.04 12.68
CA LEU B 387 20.75 -13.59 12.70
C LEU B 387 19.43 -12.96 13.19
N MET B 388 18.31 -13.56 12.82
CA MET B 388 17.00 -13.11 13.28
C MET B 388 16.95 -13.33 14.79
N GLU B 389 17.37 -14.50 15.26
CA GLU B 389 17.43 -14.73 16.72
C GLU B 389 18.27 -13.68 17.41
N ALA B 390 19.44 -13.33 16.85
CA ALA B 390 20.29 -12.34 17.47
C ALA B 390 19.55 -11.02 17.66
N PHE B 391 18.86 -10.55 16.64
CA PHE B 391 18.18 -9.24 16.75
C PHE B 391 16.90 -9.34 17.57
N ARG B 392 16.26 -10.49 17.62
CA ARG B 392 15.14 -10.67 18.53
C ARG B 392 15.62 -10.57 19.98
N ARG B 393 16.88 -10.91 20.21
CA ARG B 393 17.48 -10.77 21.56
C ARG B 393 18.07 -9.37 21.80
N ASP B 394 17.91 -8.47 20.81
CA ASP B 394 18.57 -7.19 20.81
C ASP B 394 20.05 -7.23 21.13
N LEU B 395 20.72 -8.23 20.59
CA LEU B 395 22.16 -8.37 20.72
C LEU B 395 22.88 -7.35 19.86
N ASP B 396 23.91 -6.75 20.40
CA ASP B 396 24.77 -5.84 19.65
C ASP B 396 25.81 -6.68 18.91
N ILE B 397 25.54 -7.02 17.66
CA ILE B 397 26.44 -7.88 16.90
C ILE B 397 27.78 -7.21 16.64
N HIS B 398 27.83 -5.88 16.60
CA HIS B 398 29.15 -5.24 16.42
C HIS B 398 30.01 -5.48 17.66
N THR B 399 29.42 -5.40 18.85
CA THR B 399 30.19 -5.63 20.05
C THR B 399 30.57 -7.10 20.14
N LYS B 400 29.66 -7.98 19.79
CA LYS B 400 29.95 -9.41 19.81
C LYS B 400 31.09 -9.76 18.85
N THR B 401 31.12 -9.18 17.65
CA THR B 401 32.22 -9.44 16.75
C THR B 401 33.53 -8.88 17.26
N ALA B 402 33.48 -7.71 17.90
CA ALA B 402 34.70 -7.14 18.49
C ALA B 402 35.24 -8.04 19.58
N MET B 403 34.36 -8.57 20.42
CA MET B 403 34.76 -9.57 21.41
C MET B 403 35.55 -10.72 20.78
N ASP B 404 34.98 -11.32 19.74
CA ASP B 404 35.63 -12.41 19.02
C ASP B 404 36.98 -12.02 18.39
N ILE B 405 37.05 -10.88 17.69
CA ILE B 405 38.25 -10.53 16.92
C ILE B 405 39.40 -10.13 17.83
N PHE B 406 39.12 -9.25 18.78
CA PHE B 406 40.16 -8.76 19.67
C PHE B 406 40.28 -9.63 20.92
N GLN B 407 39.53 -10.74 20.94
CA GLN B 407 39.56 -11.65 22.08
C GLN B 407 39.51 -10.90 23.43
N VAL B 408 38.39 -10.20 23.67
CA VAL B 408 38.17 -9.48 24.92
C VAL B 408 36.76 -9.70 25.44
N SER B 409 36.51 -9.29 26.69
CA SER B 409 35.18 -9.40 27.27
C SER B 409 34.34 -8.23 26.78
N GLU B 410 33.04 -8.31 26.98
CA GLU B 410 32.15 -7.24 26.54
C GLU B 410 32.54 -5.91 27.12
N ASP B 411 32.86 -5.92 28.41
CA ASP B 411 33.25 -4.71 29.13
C ASP B 411 34.52 -4.05 28.60
N GLU B 412 35.38 -4.84 27.97
CA GLU B 412 36.66 -4.33 27.45
C GLU B 412 36.57 -3.87 25.98
N VAL B 413 35.38 -3.96 25.39
CA VAL B 413 35.26 -3.44 24.02
C VAL B 413 35.19 -1.92 24.02
N THR B 414 36.14 -1.27 23.34
CA THR B 414 36.16 0.18 23.24
C THR B 414 35.36 0.66 22.03
N PRO B 415 35.07 1.97 21.99
CA PRO B 415 34.39 2.52 20.81
C PRO B 415 35.14 2.23 19.51
N ASN B 416 36.47 2.38 19.52
CA ASN B 416 37.27 2.10 18.34
CA ASN B 416 37.25 2.09 18.32
C ASN B 416 37.13 0.64 17.91
N MET B 417 37.14 -0.26 18.88
CA MET B 417 37.04 -1.67 18.58
C MET B 417 35.69 -1.98 17.94
N ARG B 418 34.63 -1.39 18.47
CA ARG B 418 33.28 -1.66 17.95
C ARG B 418 33.16 -1.08 16.55
N ARG B 419 33.63 0.15 16.34
CA ARG B 419 33.78 0.70 14.98
C ARG B 419 34.50 -0.25 14.01
N GLN B 420 35.60 -0.84 14.46
CA GLN B 420 36.38 -1.71 13.61
C GLN B 420 35.55 -2.95 13.30
N ALA B 421 34.92 -3.48 14.33
CA ALA B 421 34.11 -4.68 14.20
C ALA B 421 32.92 -4.46 13.29
N LYS B 422 32.36 -3.25 13.34
CA LYS B 422 31.26 -2.87 12.42
C LYS B 422 31.73 -3.00 10.96
N ALA B 423 32.92 -2.49 10.66
CA ALA B 423 33.44 -2.63 9.30
C ALA B 423 33.69 -4.07 8.90
N VAL B 424 34.08 -4.92 9.85
CA VAL B 424 34.26 -6.32 9.59
C VAL B 424 32.91 -6.98 9.30
N ASN B 425 31.92 -6.73 10.15
CA ASN B 425 30.58 -7.26 9.93
C ASN B 425 30.01 -6.88 8.53
N TYR B 426 29.97 -5.58 8.19
CA TYR B 426 29.48 -5.20 6.90
C TYR B 426 30.41 -5.66 5.78
N GLY B 427 31.72 -5.64 6.00
CA GLY B 427 32.62 -6.12 4.96
C GLY B 427 32.34 -7.56 4.57
N ILE B 428 32.15 -8.41 5.57
CA ILE B 428 31.91 -9.82 5.28
C ILE B 428 30.61 -10.08 4.55
N VAL B 429 29.50 -9.45 5.01
CA VAL B 429 28.25 -9.76 4.37
C VAL B 429 28.12 -9.15 2.96
N TYR B 430 28.95 -8.16 2.65
CA TYR B 430 28.95 -7.50 1.35
C TYR B 430 30.15 -7.94 0.51
N GLY B 431 30.78 -9.04 0.92
CA GLY B 431 31.64 -9.77 -0.03
C GLY B 431 33.13 -9.51 0.09
N ILE B 432 33.62 -9.05 1.24
CA ILE B 432 35.07 -8.83 1.39
C ILE B 432 35.79 -10.15 1.18
N SER B 433 37.03 -10.07 0.68
CA SER B 433 37.82 -11.30 0.44
C SER B 433 38.70 -11.54 1.64
N ASP B 434 39.29 -12.75 1.74
CA ASP B 434 40.27 -13.00 2.80
C ASP B 434 41.42 -12.00 2.77
N TYR B 435 41.86 -11.64 1.56
CA TYR B 435 42.90 -10.60 1.46
C TYR B 435 42.51 -9.27 2.08
N GLY B 436 41.32 -8.82 1.72
CA GLY B 436 40.83 -7.56 2.22
C GLY B 436 40.70 -7.59 3.72
N LEU B 437 40.17 -8.67 4.25
CA LEU B 437 39.97 -8.80 5.69
C LEU B 437 41.30 -8.91 6.42
N ALA B 438 42.24 -9.66 5.84
CA ALA B 438 43.58 -9.82 6.40
C ALA B 438 44.30 -8.48 6.49
N GLN B 439 44.21 -7.71 5.42
CA GLN B 439 44.77 -6.36 5.38
C GLN B 439 44.15 -5.41 6.38
N ASN B 440 42.83 -5.45 6.55
CA ASN B 440 42.15 -4.56 7.50
C ASN B 440 42.47 -4.92 8.95
N LEU B 441 42.61 -6.21 9.25
CA LEU B 441 42.85 -6.62 10.63
C LEU B 441 44.33 -6.95 10.90
N ASN B 442 45.15 -6.94 9.87
CA ASN B 442 46.57 -7.33 10.00
C ASN B 442 46.71 -8.68 10.72
N ILE B 443 46.08 -9.68 10.14
CA ILE B 443 46.17 -11.08 10.52
C ILE B 443 46.57 -11.76 9.26
N SER B 444 46.85 -13.06 9.35
CA SER B 444 47.28 -13.81 8.19
C SER B 444 46.06 -14.03 7.33
N ARG B 445 46.32 -14.35 6.09
CA ARG B 445 45.28 -14.54 5.12
C ARG B 445 44.50 -15.81 5.43
N LYS B 446 45.21 -16.81 5.96
CA LYS B 446 44.58 -18.06 6.32
C LYS B 446 43.63 -17.81 7.49
N GLU B 447 44.05 -16.96 8.42
CA GLU B 447 43.25 -16.66 9.60
C GLU B 447 42.00 -15.86 9.21
N ALA B 448 42.18 -14.92 8.29
CA ALA B 448 41.05 -14.17 7.75
C ALA B 448 40.09 -15.09 7.00
N ALA B 449 40.61 -16.02 6.21
CA ALA B 449 39.75 -16.95 5.49
C ALA B 449 38.96 -17.84 6.46
N GLU B 450 39.61 -18.27 7.53
CA GLU B 450 38.96 -19.17 8.45
C GLU B 450 37.89 -18.40 9.21
N PHE B 451 38.12 -17.11 9.47
CA PHE B 451 37.15 -16.31 10.18
C PHE B 451 35.90 -16.13 9.30
N ILE B 452 36.12 -15.86 8.02
CA ILE B 452 34.99 -15.69 7.10
C ILE B 452 34.18 -16.99 7.01
N GLU B 453 34.89 -18.13 6.96
CA GLU B 453 34.24 -19.43 6.93
C GLU B 453 33.39 -19.66 8.18
N ARG B 454 33.95 -19.33 9.36
CA ARG B 454 33.20 -19.48 10.61
C ARG B 454 31.98 -18.58 10.60
N TYR B 455 32.12 -17.38 10.03
CA TYR B 455 31.04 -16.40 10.07
C TYR B 455 29.84 -16.93 9.30
N PHE B 456 30.11 -17.52 8.15
CA PHE B 456 29.04 -18.10 7.35
C PHE B 456 28.54 -19.45 7.87
N GLU B 457 29.31 -20.09 8.73
CA GLU B 457 28.77 -21.23 9.48
C GLU B 457 27.75 -20.77 10.54
N SER B 458 27.94 -19.59 11.13
CA SER B 458 26.94 -19.03 12.03
C SER B 458 25.71 -18.52 11.30
N PHE B 459 25.93 -18.00 10.08
CA PHE B 459 24.85 -17.35 9.37
C PHE B 459 24.77 -17.92 7.94
N PRO B 460 24.38 -19.20 7.85
CA PRO B 460 24.30 -19.86 6.53
C PRO B 460 23.20 -19.28 5.62
N GLY B 461 22.16 -18.69 6.21
CA GLY B 461 21.12 -18.08 5.42
C GLY B 461 21.60 -16.81 4.77
N VAL B 462 22.50 -16.07 5.40
CA VAL B 462 23.14 -14.93 4.77
C VAL B 462 23.94 -15.39 3.53
N LYS B 463 24.67 -16.49 3.68
CA LYS B 463 25.48 -16.97 2.55
C LYS B 463 24.57 -17.40 1.42
N ARG B 464 23.50 -18.14 1.74
CA ARG B 464 22.54 -18.54 0.71
C ARG B 464 21.91 -17.31 0.01
N TYR B 465 21.65 -16.27 0.77
N TYR B 465 21.61 -16.25 0.78
CA TYR B 465 21.05 -15.10 0.21
CA TYR B 465 21.10 -14.94 0.24
C TYR B 465 22.03 -14.38 -0.76
C TYR B 465 22.05 -14.39 -0.80
N MET B 466 23.31 -14.33 -0.42
CA MET B 466 24.34 -13.71 -1.22
C MET B 466 24.38 -14.51 -2.54
N GLU B 467 24.32 -15.84 -2.46
CA GLU B 467 24.31 -16.63 -3.70
C GLU B 467 23.06 -16.40 -4.54
N ASN B 468 21.90 -16.46 -3.89
CA ASN B 468 20.63 -16.40 -4.56
C ASN B 468 20.38 -15.02 -5.17
N ILE B 469 20.84 -13.94 -4.54
CA ILE B 469 20.49 -12.64 -5.07
C ILE B 469 21.30 -12.38 -6.34
N VAL B 470 22.51 -12.91 -6.38
CA VAL B 470 23.33 -12.80 -7.58
C VAL B 470 22.64 -13.57 -8.73
N GLN B 471 22.13 -14.76 -8.46
CA GLN B 471 21.40 -15.51 -9.51
C GLN B 471 20.16 -14.77 -9.99
N GLU B 472 19.45 -14.16 -9.05
CA GLU B 472 18.29 -13.34 -9.36
C GLU B 472 18.63 -12.18 -10.27
N ALA B 473 19.71 -11.45 -9.96
CA ALA B 473 20.16 -10.31 -10.73
C ALA B 473 20.52 -10.77 -12.14
N LYS B 474 21.14 -11.95 -12.23
CA LYS B 474 21.54 -12.44 -13.57
C LYS B 474 20.29 -12.76 -14.39
N GLN B 475 19.23 -13.28 -13.77
CA GLN B 475 18.03 -13.69 -14.48
C GLN B 475 17.20 -12.46 -14.88
N LYS B 476 17.01 -11.55 -13.94
CA LYS B 476 16.09 -10.43 -14.15
C LYS B 476 16.74 -9.24 -14.81
N GLY B 477 18.02 -9.01 -14.54
CA GLY B 477 18.75 -7.86 -15.04
C GLY B 477 18.89 -6.74 -14.04
N TYR B 478 18.28 -6.90 -12.88
CA TYR B 478 18.27 -5.87 -11.85
C TYR B 478 18.05 -6.50 -10.50
N VAL B 479 18.26 -5.69 -9.47
CA VAL B 479 17.82 -6.05 -8.10
C VAL B 479 16.89 -4.98 -7.57
N THR B 480 16.13 -5.32 -6.52
CA THR B 480 15.16 -4.39 -5.95
C THR B 480 15.26 -4.34 -4.44
N THR B 481 14.59 -3.34 -3.89
CA THR B 481 14.52 -3.22 -2.45
C THR B 481 13.12 -3.50 -1.96
N LEU B 482 12.97 -3.41 -0.63
CA LEU B 482 11.70 -3.74 -0.04
C LEU B 482 10.54 -2.92 -0.57
N LEU B 483 10.76 -1.63 -0.86
CA LEU B 483 9.70 -0.78 -1.37
C LEU B 483 9.84 -0.58 -2.89
N HIS B 484 10.53 -1.50 -3.52
CA HIS B 484 10.54 -1.64 -4.96
C HIS B 484 11.41 -0.66 -5.72
N ARG B 485 12.38 -0.08 -5.04
CA ARG B 485 13.43 0.64 -5.73
C ARG B 485 14.22 -0.36 -6.55
N ARG B 486 14.79 0.06 -7.69
CA ARG B 486 15.45 -0.85 -8.64
C ARG B 486 16.84 -0.34 -9.01
N ARG B 487 17.77 -1.27 -9.25
CA ARG B 487 19.07 -0.93 -9.82
C ARG B 487 19.44 -1.99 -10.84
N TYR B 488 19.61 -1.57 -12.10
CA TYR B 488 20.00 -2.51 -13.13
C TYR B 488 21.44 -2.84 -12.99
N LEU B 489 21.80 -4.10 -13.29
CA LEU B 489 23.18 -4.52 -13.20
C LEU B 489 23.65 -5.29 -14.48
N PRO B 490 23.72 -4.56 -15.60
CA PRO B 490 24.12 -5.18 -16.88
C PRO B 490 25.44 -5.94 -16.76
N ASP B 491 26.39 -5.43 -15.96
CA ASP B 491 27.70 -6.07 -15.80
C ASP B 491 27.71 -7.45 -15.13
N ILE B 492 26.59 -7.84 -14.53
CA ILE B 492 26.58 -9.06 -13.77
C ILE B 492 26.74 -10.28 -14.65
N THR B 493 26.49 -10.09 -15.95
CA THR B 493 26.71 -11.18 -16.91
C THR B 493 27.94 -10.94 -17.76
N SER B 494 28.81 -10.02 -17.34
CA SER B 494 30.07 -9.77 -18.04
C SER B 494 30.95 -11.00 -18.06
N ARG B 495 31.69 -11.15 -19.15
CA ARG B 495 32.64 -12.24 -19.26
C ARG B 495 33.96 -11.88 -18.56
N ASN B 496 34.16 -10.59 -18.28
CA ASN B 496 35.32 -10.18 -17.52
C ASN B 496 35.10 -10.40 -16.02
N PHE B 497 35.88 -11.31 -15.43
CA PHE B 497 35.76 -11.65 -14.02
C PHE B 497 35.70 -10.45 -13.06
N ASN B 498 36.58 -9.48 -13.26
CA ASN B 498 36.63 -8.30 -12.39
C ASN B 498 35.35 -7.45 -12.46
N VAL B 499 34.95 -7.10 -13.67
CA VAL B 499 33.72 -6.37 -13.93
C VAL B 499 32.50 -7.12 -13.37
N ARG B 500 32.41 -8.41 -13.65
CA ARG B 500 31.30 -9.22 -13.15
C ARG B 500 31.28 -9.21 -11.61
N SER B 501 32.46 -9.33 -11.01
CA SER B 501 32.59 -9.40 -9.54
C SER B 501 32.10 -8.13 -8.87
N PHE B 502 32.39 -6.97 -9.45
CA PHE B 502 31.91 -5.74 -8.85
C PHE B 502 30.39 -5.71 -8.91
N ALA B 503 29.82 -6.11 -10.04
CA ALA B 503 28.39 -6.24 -10.16
C ALA B 503 27.78 -7.21 -9.14
N GLU B 504 28.45 -8.34 -8.91
CA GLU B 504 27.93 -9.29 -7.96
C GLU B 504 27.84 -8.66 -6.59
N ARG B 505 28.85 -7.88 -6.23
CA ARG B 505 28.88 -7.26 -4.91
C ARG B 505 27.82 -6.15 -4.82
N MET B 506 27.54 -5.45 -5.91
CA MET B 506 26.40 -4.51 -5.93
C MET B 506 25.06 -5.25 -5.72
N ALA B 507 24.91 -6.42 -6.32
CA ALA B 507 23.70 -7.18 -6.11
C ALA B 507 23.51 -7.61 -4.65
N MET B 508 24.61 -7.91 -3.99
CA MET B 508 24.57 -8.28 -2.55
C MET B 508 24.21 -7.07 -1.69
N ASN B 509 24.80 -5.92 -1.99
CA ASN B 509 24.67 -4.71 -1.15
C ASN B 509 23.45 -3.88 -1.41
N THR B 510 23.09 -3.67 -2.67
CA THR B 510 22.05 -2.68 -2.99
C THR B 510 20.70 -2.99 -2.34
N PRO B 511 20.24 -4.26 -2.36
CA PRO B 511 18.94 -4.48 -1.74
C PRO B 511 18.93 -4.15 -0.26
N ILE B 512 20.06 -4.28 0.39
CA ILE B 512 20.11 -4.07 1.85
C ILE B 512 20.24 -2.58 2.14
N GLN B 513 21.28 -1.95 1.58
CA GLN B 513 21.43 -0.51 1.76
C GLN B 513 20.22 0.26 1.28
N GLY B 514 19.66 -0.14 0.14
CA GLY B 514 18.50 0.55 -0.42
C GLY B 514 17.25 0.34 0.41
N SER B 515 17.03 -0.85 0.95
CA SER B 515 15.88 -1.06 1.83
C SER B 515 16.01 -0.23 3.08
N ALA B 516 17.22 -0.12 3.60
CA ALA B 516 17.41 0.75 4.77
C ALA B 516 17.14 2.21 4.44
N ALA B 517 17.46 2.63 3.23
CA ALA B 517 17.13 3.97 2.76
C ALA B 517 15.61 4.17 2.66
N ASP B 518 14.92 3.16 2.11
CA ASP B 518 13.43 3.16 2.06
C ASP B 518 12.82 3.40 3.44
N ILE B 519 13.32 2.63 4.40
CA ILE B 519 12.78 2.62 5.76
C ILE B 519 12.90 4.00 6.42
N ILE B 520 14.09 4.60 6.36
CA ILE B 520 14.29 5.90 7.01
C ILE B 520 13.48 6.99 6.31
N LYS B 521 13.29 6.86 5.00
CA LYS B 521 12.47 7.84 4.29
C LYS B 521 11.00 7.73 4.72
N LYS B 522 10.49 6.52 4.89
CA LYS B 522 9.16 6.34 5.37
C LYS B 522 9.06 6.92 6.77
N ALA B 523 10.06 6.65 7.57
CA ALA B 523 10.07 7.16 8.96
C ALA B 523 9.93 8.69 8.97
N MET B 524 10.64 9.35 8.06
CA MET B 524 10.59 10.80 7.98
C MET B 524 9.18 11.32 7.69
N ILE B 525 8.51 10.68 6.74
CA ILE B 525 7.12 11.01 6.38
C ILE B 525 6.22 10.78 7.55
N ASP B 526 6.35 9.62 8.19
CA ASP B 526 5.51 9.30 9.35
C ASP B 526 5.77 10.30 10.49
N LEU B 527 7.03 10.65 10.72
CA LEU B 527 7.39 11.56 11.79
C LEU B 527 6.83 12.93 11.57
N ASN B 528 7.03 13.47 10.38
CA ASN B 528 6.47 14.77 10.10
C ASN B 528 4.96 14.80 10.31
N ALA B 529 4.23 13.75 9.93
CA ALA B 529 2.77 13.73 10.07
C ALA B 529 2.42 13.74 11.55
N ARG B 530 3.17 13.00 12.34
CA ARG B 530 2.91 12.93 13.78
C ARG B 530 3.20 14.27 14.49
N LEU B 531 4.30 14.92 14.11
CA LEU B 531 4.66 16.20 14.71
C LEU B 531 3.55 17.20 14.45
N LYS B 532 3.00 17.19 13.26
CA LYS B 532 1.95 18.11 12.88
C LYS B 532 0.67 17.81 13.66
N GLU B 533 0.34 16.53 13.77
CA GLU B 533 -0.85 16.08 14.46
C GLU B 533 -0.80 16.51 15.92
N GLU B 534 0.39 16.51 16.51
CA GLU B 534 0.53 16.82 17.94
C GLU B 534 0.77 18.30 18.15
N ARG B 535 0.75 19.06 17.05
CA ARG B 535 0.99 20.50 17.07
C ARG B 535 2.28 20.90 17.77
N LEU B 536 3.35 20.13 17.55
CA LEU B 536 4.64 20.45 18.11
C LEU B 536 5.47 21.39 17.23
N GLN B 537 6.28 22.21 17.86
CA GLN B 537 7.15 23.12 17.13
C GLN B 537 8.36 22.37 16.60
N ALA B 538 8.66 21.20 17.20
CA ALA B 538 9.81 20.39 16.78
C ALA B 538 9.81 20.16 15.30
N HIS B 539 10.99 20.20 14.69
CA HIS B 539 11.05 19.88 13.27
C HIS B 539 12.40 19.24 12.93
N LEU B 540 12.41 18.50 11.83
CA LEU B 540 13.63 17.92 11.31
C LEU B 540 14.62 18.94 10.80
N LEU B 541 15.90 18.70 11.06
CA LEU B 541 16.99 19.49 10.50
C LEU B 541 17.79 18.66 9.48
N LEU B 542 18.14 17.42 9.83
CA LEU B 542 19.04 16.62 9.01
C LEU B 542 18.62 15.18 9.00
N GLN B 543 18.94 14.50 7.91
CA GLN B 543 19.00 13.05 7.86
C GLN B 543 20.45 12.62 7.59
N VAL B 544 20.93 11.60 8.29
CA VAL B 544 22.32 11.14 8.10
C VAL B 544 22.28 9.62 7.91
N HIS B 545 21.56 9.24 6.85
CA HIS B 545 21.45 7.89 6.31
C HIS B 545 20.63 6.91 7.15
N ASP B 546 20.96 6.78 8.43
CA ASP B 546 20.11 6.03 9.34
C ASP B 546 19.86 6.77 10.64
N GLU B 547 19.90 8.07 10.56
CA GLU B 547 19.78 8.92 11.75
C GLU B 547 18.98 10.15 11.36
N LEU B 548 18.17 10.66 12.30
CA LEU B 548 17.40 11.88 12.11
C LEU B 548 17.79 12.84 13.20
N ILE B 549 17.99 14.09 12.82
CA ILE B 549 18.40 15.15 13.72
C ILE B 549 17.32 16.19 13.71
N LEU B 550 16.75 16.51 14.91
CA LEU B 550 15.72 17.53 15.02
C LEU B 550 16.15 18.62 16.02
N GLU B 551 15.41 19.71 16.01
CA GLU B 551 15.47 20.70 17.11
C GLU B 551 14.05 20.96 17.58
N ALA B 552 13.94 21.33 18.88
CA ALA B 552 12.65 21.62 19.43
C ALA B 552 12.81 22.44 20.73
N PRO B 553 11.75 23.14 21.10
CA PRO B 553 11.75 23.76 22.43
C PRO B 553 12.08 22.76 23.50
N LYS B 554 12.80 23.19 24.53
CA LYS B 554 13.10 22.29 25.61
C LYS B 554 11.85 21.68 26.24
N GLU B 555 10.74 22.38 26.21
CA GLU B 555 9.49 21.89 26.79
C GLU B 555 8.87 20.72 26.01
N GLU B 556 9.38 20.45 24.80
CA GLU B 556 8.84 19.38 23.98
C GLU B 556 9.70 18.13 24.05
N MET B 557 10.86 18.20 24.68
CA MET B 557 11.81 17.09 24.69
C MET B 557 11.19 15.81 25.28
N GLU B 558 10.48 15.92 26.40
CA GLU B 558 9.92 14.66 26.95
C GLU B 558 8.96 13.94 26.00
N ARG B 559 8.11 14.69 25.34
CA ARG B 559 7.23 14.11 24.34
CA ARG B 559 7.22 14.13 24.33
C ARG B 559 8.04 13.56 23.17
N LEU B 560 9.10 14.26 22.76
CA LEU B 560 9.90 13.73 21.63
C LEU B 560 10.57 12.40 21.97
N CYS B 561 11.05 12.28 23.20
CA CYS B 561 11.70 11.05 23.67
C CYS B 561 10.84 9.83 23.54
N ARG B 562 9.54 10.04 23.63
CA ARG B 562 8.60 8.95 23.43
C ARG B 562 8.17 8.77 21.97
N LEU B 563 7.94 9.88 21.28
CA LEU B 563 7.31 9.88 19.95
C LEU B 563 8.33 9.47 18.86
N VAL B 564 9.51 10.09 18.87
CA VAL B 564 10.48 9.82 17.79
C VAL B 564 10.91 8.36 17.68
N PRO B 565 11.34 7.74 18.77
CA PRO B 565 11.76 6.33 18.63
C PRO B 565 10.60 5.43 18.17
N GLU B 566 9.41 5.65 18.71
CA GLU B 566 8.27 4.88 18.38
C GLU B 566 7.98 4.95 16.86
N VAL B 567 7.98 6.17 16.32
CA VAL B 567 7.64 6.36 14.91
C VAL B 567 8.69 5.68 14.07
N MET B 568 9.93 5.82 14.46
CA MET B 568 11.03 5.19 13.66
C MET B 568 10.95 3.66 13.74
N GLU B 569 10.73 3.12 14.93
CA GLU B 569 10.64 1.67 15.09
C GLU B 569 9.49 1.03 14.37
N GLN B 570 8.40 1.76 14.18
CA GLN B 570 7.19 1.24 13.60
C GLN B 570 7.01 1.58 12.12
N ALA B 571 8.04 2.19 11.50
CA ALA B 571 7.89 2.64 10.11
C ALA B 571 7.63 1.51 9.14
N VAL B 572 8.28 0.38 9.39
CA VAL B 572 7.95 -0.86 8.70
C VAL B 572 7.88 -2.00 9.73
N THR B 573 7.28 -3.11 9.33
CA THR B 573 7.18 -4.25 10.20
C THR B 573 8.02 -5.37 9.59
N LEU B 574 9.15 -5.67 10.20
CA LEU B 574 10.03 -6.74 9.73
C LEU B 574 9.96 -7.99 10.62
N ARG B 575 10.68 -9.03 10.22
CA ARG B 575 10.76 -10.27 10.95
C ARG B 575 11.60 -10.14 12.22
N VAL B 576 12.25 -8.99 12.38
CA VAL B 576 12.99 -8.65 13.59
C VAL B 576 12.60 -7.24 13.95
N PRO B 577 12.73 -6.89 15.25
CA PRO B 577 12.45 -5.51 15.64
C PRO B 577 13.44 -4.55 15.07
N LEU B 578 12.99 -3.32 14.87
CA LEU B 578 13.95 -2.23 14.71
C LEU B 578 14.17 -1.59 16.07
N LYS B 579 15.36 -1.05 16.23
CA LYS B 579 15.79 -0.42 17.49
C LYS B 579 16.41 0.93 17.24
N VAL B 580 16.01 1.90 18.06
CA VAL B 580 16.54 3.28 17.97
C VAL B 580 17.25 3.69 19.26
N ASP B 581 18.41 4.31 19.07
CA ASP B 581 19.22 4.92 20.11
C ASP B 581 19.01 6.44 19.95
N TYR B 582 18.82 7.19 21.03
CA TYR B 582 18.50 8.60 20.87
C TYR B 582 19.00 9.37 22.07
N HIS B 583 19.28 10.64 21.82
CA HIS B 583 19.91 11.50 22.82
C HIS B 583 19.53 12.93 22.49
N TYR B 584 19.58 13.84 23.46
CA TYR B 584 19.40 15.26 23.15
C TYR B 584 20.34 16.10 23.94
N GLY B 585 20.43 17.36 23.55
CA GLY B 585 21.34 18.24 24.24
C GLY B 585 21.40 19.64 23.67
N SER B 586 22.27 20.47 24.22
CA SER B 586 22.25 21.88 23.82
C SER B 586 23.08 22.17 22.57
N THR B 587 23.87 21.21 22.10
CA THR B 587 24.54 21.35 20.79
C THR B 587 24.51 19.97 20.17
N TRP B 588 24.85 19.84 18.89
CA TRP B 588 24.84 18.52 18.28
C TRP B 588 25.85 17.60 19.00
N TYR B 589 26.94 18.19 19.47
CA TYR B 589 27.96 17.45 20.18
C TYR B 589 27.35 16.78 21.39
N ASP B 590 26.47 17.49 22.06
CA ASP B 590 25.91 17.01 23.33
C ASP B 590 24.81 15.99 23.19
N ALA B 591 24.23 15.90 21.99
CA ALA B 591 23.13 15.00 21.73
C ALA B 591 23.73 13.61 21.56
N LYS B 592 24.32 13.14 22.67
CA LYS B 592 25.12 11.91 22.72
C LYS B 592 24.91 11.22 24.07
#